data_9BAD
#
_entry.id   9BAD
#
_cell.length_a   102.234
_cell.length_b   104.486
_cell.length_c   123.055
_cell.angle_alpha   90.00
_cell.angle_beta   90.00
_cell.angle_gamma   90.00
#
_symmetry.space_group_name_H-M   'P 21 21 21'
#
loop_
_entity.id
_entity.type
_entity.pdbx_description
1 polymer 'L-asparaginase 2'
2 non-polymer 'SODIUM ION'
3 non-polymer GLYCEROL
4 water water
#
_entity_poly.entity_id   1
_entity_poly.type   'polypeptide(L)'
_entity_poly.pdbx_seq_one_letter_code
;MGSSHHHHHHSSGLVPRGSHMASPETKESPKEKAQTQKVSSASASEKKDLPNIRILATGGTIAGADQSKTSTTEYKAGVV
GVESLIEAVPEMKDIANVSGEQIVNVGSTNIDNKILLKLAKRINHLLASDDVDGIVVTHGTDTLEETAYFLNLTVKSDKP
VVIVGSMRPSTAISADGPSNLYNAVKVAGAPEAKGKGTLVVLNDRIASARYVTKTNTTTTDTFKSEEMGFVGTIADDIYF
NNEITRKHTKDTDFSVSNLDELPQVDIIYGYQNDGSYLFDAAVKAGAKGIVFAGSGNGSLSDAAEKGADSAVKKGVTVVR
STRTGNGVVTPNQDYAEKDLLASNSLNPQKARMLLMLALTKTNDPQKIQAYFNEY
;
_entity_poly.pdbx_strand_id   A,B,C,D
#
loop_
_chem_comp.id
_chem_comp.type
_chem_comp.name
_chem_comp.formula
GOL non-polymer GLYCEROL 'C3 H8 O3'
NA non-polymer 'SODIUM ION' 'Na 1'
#
# COMPACT_ATOMS: atom_id res chain seq x y z
N ASP A 49 -6.92 -31.26 26.01
CA ASP A 49 -7.08 -29.80 26.29
C ASP A 49 -6.78 -28.89 25.09
N LEU A 50 -6.30 -29.41 23.95
CA LEU A 50 -6.19 -28.60 22.74
C LEU A 50 -7.57 -28.33 22.15
N PRO A 51 -7.74 -27.19 21.45
CA PRO A 51 -9.02 -26.88 20.81
C PRO A 51 -9.34 -27.89 19.73
N ASN A 52 -10.64 -28.19 19.65
CA ASN A 52 -11.19 -29.06 18.62
C ASN A 52 -11.61 -28.20 17.44
N ILE A 53 -10.90 -28.36 16.33
CA ILE A 53 -11.12 -27.52 15.14
C ILE A 53 -11.59 -28.42 13.99
N ARG A 54 -12.69 -28.02 13.37
CA ARG A 54 -13.18 -28.73 12.19
C ARG A 54 -12.83 -27.93 10.93
N ILE A 55 -12.26 -28.64 9.95
CA ILE A 55 -11.99 -28.09 8.62
C ILE A 55 -13.10 -28.54 7.69
N LEU A 56 -13.79 -27.56 7.09
CA LEU A 56 -14.80 -27.77 6.07
C LEU A 56 -14.23 -27.37 4.72
N ALA A 57 -14.02 -28.32 3.84
CA ALA A 57 -13.36 -28.05 2.57
C ALA A 57 -14.40 -27.83 1.46
N THR A 58 -14.10 -26.86 0.60
CA THR A 58 -14.97 -26.52 -0.50
C THR A 58 -14.33 -26.61 -1.89
N GLY A 59 -13.00 -26.76 -1.96
CA GLY A 59 -12.22 -26.73 -3.20
C GLY A 59 -11.20 -25.58 -3.21
N GLY A 60 -10.90 -25.08 -4.42
CA GLY A 60 -9.93 -24.00 -4.62
C GLY A 60 -8.50 -24.47 -4.87
N THR A 61 -7.66 -23.48 -5.15
CA THR A 61 -6.24 -23.67 -5.44
C THR A 61 -5.53 -24.44 -4.32
N ILE A 62 -5.99 -24.26 -3.06
CA ILE A 62 -5.34 -24.86 -1.90
C ILE A 62 -5.41 -26.38 -1.98
N ALA A 63 -6.45 -26.89 -2.67
CA ALA A 63 -6.59 -28.33 -2.95
C ALA A 63 -6.31 -28.65 -4.44
N GLY A 64 -5.68 -27.73 -5.17
CA GLY A 64 -5.33 -28.01 -6.56
C GLY A 64 -3.90 -28.55 -6.67
N ALA A 65 -3.58 -29.14 -7.83
CA ALA A 65 -2.31 -29.82 -8.06
C ALA A 65 -1.97 -29.74 -9.55
N ASP A 66 -0.71 -29.41 -9.86
CA ASP A 66 -0.21 -29.55 -11.21
C ASP A 66 1.06 -30.41 -11.18
N GLN A 67 1.36 -31.11 -12.28
CA GLN A 67 2.60 -31.87 -12.38
C GLN A 67 3.86 -30.99 -12.44
N SER A 68 3.72 -29.78 -12.97
CA SER A 68 4.81 -28.80 -12.91
C SER A 68 4.79 -28.11 -11.55
N LYS A 69 5.91 -28.18 -10.80
CA LYS A 69 6.03 -27.50 -9.53
C LYS A 69 6.30 -26.00 -9.72
N THR A 70 6.53 -25.52 -10.95
CA THR A 70 6.80 -24.11 -11.16
C THR A 70 5.58 -23.38 -11.71
N SER A 71 4.50 -24.13 -11.94
CA SER A 71 3.25 -23.54 -12.34
C SER A 71 2.49 -23.00 -11.11
N THR A 72 2.24 -21.69 -11.12
CA THR A 72 1.44 -21.02 -10.10
C THR A 72 0.05 -20.65 -10.63
N THR A 73 -0.15 -20.59 -11.96
CA THR A 73 -1.44 -20.15 -12.50
C THR A 73 -2.20 -21.26 -13.24
N GLU A 74 -1.54 -22.38 -13.60
CA GLU A 74 -2.19 -23.53 -14.23
C GLU A 74 -2.11 -24.75 -13.31
N TYR A 75 -3.26 -25.41 -13.06
CA TYR A 75 -3.32 -26.57 -12.17
C TYR A 75 -4.68 -27.25 -12.35
N LYS A 76 -4.78 -28.53 -11.92
CA LYS A 76 -5.98 -29.38 -12.02
C LYS A 76 -6.82 -29.35 -10.73
N VAL A 79 -8.78 -30.63 -6.42
CA VAL A 79 -8.60 -32.08 -6.71
C VAL A 79 -7.77 -32.84 -5.64
N VAL A 80 -7.37 -32.19 -4.53
CA VAL A 80 -6.73 -32.80 -3.36
C VAL A 80 -7.78 -32.90 -2.24
N GLY A 81 -7.82 -34.01 -1.49
CA GLY A 81 -8.84 -34.25 -0.48
C GLY A 81 -8.49 -33.61 0.85
N VAL A 82 -9.51 -33.37 1.70
CA VAL A 82 -9.32 -32.63 2.95
C VAL A 82 -8.34 -33.37 3.88
N GLU A 83 -8.36 -34.70 3.86
CA GLU A 83 -7.46 -35.46 4.72
C GLU A 83 -5.99 -35.32 4.27
N SER A 84 -5.75 -35.24 2.96
CA SER A 84 -4.44 -34.92 2.43
C SER A 84 -3.94 -33.53 2.86
N LEU A 85 -4.81 -32.51 2.82
CA LEU A 85 -4.46 -31.15 3.23
C LEU A 85 -3.98 -31.19 4.68
N ILE A 86 -4.74 -31.92 5.49
CA ILE A 86 -4.42 -32.02 6.90
C ILE A 86 -3.10 -32.75 7.13
N GLU A 87 -2.90 -33.90 6.47
CA GLU A 87 -1.69 -34.68 6.68
C GLU A 87 -0.45 -33.95 6.17
N ALA A 88 -0.62 -32.99 5.26
CA ALA A 88 0.52 -32.21 4.75
C ALA A 88 1.05 -31.23 5.78
N VAL A 89 0.30 -31.01 6.88
CA VAL A 89 0.70 -30.06 7.92
C VAL A 89 0.65 -30.75 9.28
N PRO A 90 1.55 -31.71 9.57
CA PRO A 90 1.51 -32.44 10.83
C PRO A 90 1.76 -31.57 12.07
N GLU A 91 2.33 -30.37 11.86
CA GLU A 91 2.58 -29.45 12.96
C GLU A 91 1.29 -29.00 13.61
N MET A 92 0.16 -29.09 12.88
CA MET A 92 -1.12 -28.66 13.40
C MET A 92 -1.49 -29.47 14.64
N LYS A 93 -1.05 -30.73 14.72
CA LYS A 93 -1.40 -31.58 15.85
C LYS A 93 -0.92 -31.03 17.19
N ASP A 94 0.08 -30.15 17.18
CA ASP A 94 0.60 -29.59 18.42
C ASP A 94 -0.23 -28.41 18.91
N ILE A 95 -1.13 -27.86 18.06
CA ILE A 95 -1.95 -26.70 18.44
C ILE A 95 -3.46 -26.95 18.36
N ALA A 96 -3.91 -28.08 17.80
CA ALA A 96 -5.33 -28.35 17.72
C ALA A 96 -5.52 -29.84 17.52
N ASN A 97 -6.75 -30.29 17.87
CA ASN A 97 -7.26 -31.57 17.43
C ASN A 97 -8.11 -31.33 16.18
N VAL A 98 -7.54 -31.67 15.02
CA VAL A 98 -8.11 -31.31 13.72
C VAL A 98 -8.83 -32.51 13.12
N SER A 99 -10.02 -32.24 12.59
CA SER A 99 -10.75 -33.20 11.78
C SER A 99 -11.36 -32.47 10.60
N GLY A 100 -11.64 -33.20 9.53
CA GLY A 100 -12.06 -32.56 8.30
C GLY A 100 -13.24 -33.26 7.65
N GLU A 101 -13.98 -32.47 6.86
CA GLU A 101 -15.02 -32.98 6.00
C GLU A 101 -15.05 -32.19 4.70
N GLN A 102 -15.38 -32.88 3.62
CA GLN A 102 -15.51 -32.28 2.31
C GLN A 102 -16.98 -31.91 2.09
N ILE A 103 -17.28 -30.62 2.06
CA ILE A 103 -18.64 -30.11 1.82
C ILE A 103 -18.98 -30.21 0.35
N VAL A 104 -18.13 -29.59 -0.47
CA VAL A 104 -18.22 -29.61 -1.92
C VAL A 104 -16.78 -29.61 -2.44
N ASN A 105 -16.61 -29.70 -3.76
CA ASN A 105 -15.28 -29.62 -4.32
C ASN A 105 -15.31 -28.91 -5.66
N VAL A 106 -15.25 -27.57 -5.61
CA VAL A 106 -15.42 -26.74 -6.79
C VAL A 106 -14.42 -25.59 -6.77
N GLY A 107 -14.14 -25.08 -7.97
CA GLY A 107 -13.47 -23.80 -8.08
C GLY A 107 -14.40 -22.75 -7.52
N SER A 108 -13.86 -21.67 -6.95
CA SER A 108 -14.71 -20.79 -6.17
C SER A 108 -15.65 -19.96 -7.03
N THR A 109 -15.38 -19.77 -8.32
CA THR A 109 -16.38 -19.12 -9.17
C THR A 109 -17.65 -19.96 -9.29
N ASN A 110 -17.60 -21.23 -8.92
CA ASN A 110 -18.75 -22.11 -8.98
C ASN A 110 -19.39 -22.33 -7.61
N ILE A 111 -18.95 -21.60 -6.60
CA ILE A 111 -19.72 -21.51 -5.35
C ILE A 111 -20.95 -20.67 -5.66
N ASP A 112 -22.12 -21.16 -5.27
CA ASP A 112 -23.37 -20.48 -5.56
C ASP A 112 -24.24 -20.37 -4.31
N ASN A 113 -25.43 -19.78 -4.45
CA ASN A 113 -26.28 -19.57 -3.27
C ASN A 113 -26.66 -20.90 -2.59
N LYS A 114 -26.92 -21.95 -3.37
CA LYS A 114 -27.26 -23.28 -2.83
C LYS A 114 -26.17 -23.78 -1.90
N ILE A 115 -24.93 -23.67 -2.37
CA ILE A 115 -23.79 -24.09 -1.57
C ILE A 115 -23.65 -23.21 -0.34
N LEU A 116 -23.78 -21.89 -0.47
CA LEU A 116 -23.64 -21.01 0.71
C LEU A 116 -24.63 -21.40 1.78
N LEU A 117 -25.89 -21.65 1.39
CA LEU A 117 -26.88 -22.00 2.37
C LEU A 117 -26.51 -23.29 3.09
N LYS A 118 -26.07 -24.31 2.33
CA LYS A 118 -25.64 -25.57 2.88
C LYS A 118 -24.50 -25.36 3.88
N LEU A 119 -23.55 -24.51 3.50
CA LEU A 119 -22.35 -24.28 4.28
C LEU A 119 -22.71 -23.55 5.58
N ALA A 120 -23.52 -22.49 5.48
CA ALA A 120 -23.92 -21.74 6.66
C ALA A 120 -24.70 -22.62 7.63
N LYS A 121 -25.62 -23.44 7.10
CA LYS A 121 -26.41 -24.31 7.97
C LYS A 121 -25.51 -25.30 8.71
N ARG A 122 -24.57 -25.91 7.98
CA ARG A 122 -23.65 -26.86 8.58
C ARG A 122 -22.81 -26.21 9.68
N ILE A 123 -22.27 -25.03 9.39
CA ILE A 123 -21.46 -24.30 10.37
C ILE A 123 -22.28 -23.99 11.62
N ASN A 124 -23.52 -23.51 11.44
CA ASN A 124 -24.34 -23.18 12.59
C ASN A 124 -24.60 -24.42 13.44
N HIS A 125 -24.85 -25.57 12.81
CA HIS A 125 -25.14 -26.79 13.56
C HIS A 125 -23.89 -27.21 14.33
N LEU A 126 -22.72 -27.19 13.67
CA LEU A 126 -21.48 -27.66 14.30
C LEU A 126 -21.10 -26.74 15.46
N LEU A 127 -21.22 -25.41 15.29
CA LEU A 127 -20.82 -24.50 16.36
C LEU A 127 -21.73 -24.58 17.57
N ALA A 128 -22.94 -25.16 17.40
CA ALA A 128 -23.84 -25.37 18.52
C ALA A 128 -23.33 -26.51 19.40
N SER A 129 -22.40 -27.34 18.91
CA SER A 129 -21.90 -28.46 19.72
C SER A 129 -20.74 -28.08 20.62
N ASP A 130 -20.65 -28.83 21.70
CA ASP A 130 -19.57 -28.65 22.66
C ASP A 130 -18.31 -29.30 22.15
N ASP A 131 -18.41 -30.15 21.12
CA ASP A 131 -17.22 -30.83 20.61
C ASP A 131 -16.48 -29.97 19.60
N VAL A 132 -17.00 -28.77 19.24
CA VAL A 132 -16.38 -27.94 18.21
C VAL A 132 -16.08 -26.55 18.79
N ASP A 133 -14.79 -26.22 18.82
CA ASP A 133 -14.33 -24.94 19.36
C ASP A 133 -14.22 -23.87 18.29
N GLY A 134 -14.02 -24.27 17.04
CA GLY A 134 -13.84 -23.33 15.94
C GLY A 134 -13.81 -24.08 14.63
N ILE A 135 -14.01 -23.34 13.53
CA ILE A 135 -14.08 -23.91 12.19
C ILE A 135 -13.12 -23.18 11.26
N VAL A 136 -12.48 -23.96 10.36
CA VAL A 136 -11.73 -23.43 9.25
C VAL A 136 -12.40 -23.89 7.96
N VAL A 137 -12.69 -22.97 7.06
CA VAL A 137 -13.24 -23.31 5.74
C VAL A 137 -12.11 -23.11 4.72
N THR A 138 -11.75 -24.17 3.98
CA THR A 138 -10.81 -24.06 2.87
C THR A 138 -11.58 -23.75 1.61
N HIS A 139 -11.10 -22.78 0.82
CA HIS A 139 -11.90 -22.22 -0.26
C HIS A 139 -11.01 -21.65 -1.34
N GLY A 140 -11.48 -21.64 -2.57
CA GLY A 140 -10.78 -20.92 -3.62
C GLY A 140 -10.74 -19.43 -3.35
N THR A 141 -9.67 -18.77 -3.76
CA THR A 141 -9.49 -17.36 -3.45
C THR A 141 -10.39 -16.42 -4.26
N ASP A 142 -10.78 -16.81 -5.48
CA ASP A 142 -11.44 -15.89 -6.38
C ASP A 142 -12.68 -15.23 -5.78
N THR A 143 -13.54 -16.04 -5.13
CA THR A 143 -14.76 -15.56 -4.53
C THR A 143 -14.78 -15.78 -3.01
N LEU A 144 -13.61 -16.00 -2.40
CA LEU A 144 -13.50 -16.15 -0.97
C LEU A 144 -14.19 -15.02 -0.21
N GLU A 145 -13.99 -13.77 -0.64
CA GLU A 145 -14.54 -12.65 0.09
C GLU A 145 -16.07 -12.65 0.12
N GLU A 146 -16.69 -13.25 -0.93
CA GLU A 146 -18.15 -13.30 -1.00
C GLU A 146 -18.64 -14.30 0.05
N THR A 147 -18.05 -15.49 0.06
CA THR A 147 -18.43 -16.48 1.05
C THR A 147 -18.13 -15.99 2.48
N ALA A 148 -16.94 -15.39 2.69
CA ALA A 148 -16.56 -14.96 4.03
C ALA A 148 -17.55 -13.93 4.55
N TYR A 149 -17.89 -12.92 3.72
CA TYR A 149 -18.82 -11.89 4.18
C TYR A 149 -20.23 -12.45 4.38
N PHE A 150 -20.68 -13.34 3.51
CA PHE A 150 -21.96 -14.00 3.77
C PHE A 150 -21.99 -14.72 5.13
N LEU A 151 -20.93 -15.45 5.43
CA LEU A 151 -20.87 -16.12 6.72
C LEU A 151 -20.80 -15.14 7.88
N ASN A 152 -20.11 -14.01 7.67
CA ASN A 152 -20.05 -12.97 8.67
C ASN A 152 -21.44 -12.44 9.02
N LEU A 153 -22.42 -12.58 8.11
CA LEU A 153 -23.75 -12.07 8.37
C LEU A 153 -24.72 -13.17 8.83
N THR A 154 -24.36 -14.44 8.72
CA THR A 154 -25.31 -15.54 8.92
C THR A 154 -24.87 -16.56 9.96
N VAL A 155 -23.61 -16.54 10.41
CA VAL A 155 -23.16 -17.43 11.47
C VAL A 155 -23.62 -16.89 12.81
N LYS A 156 -24.41 -17.66 13.55
CA LYS A 156 -25.08 -17.13 14.72
C LYS A 156 -24.37 -17.66 15.98
N SER A 157 -23.10 -17.33 16.10
CA SER A 157 -22.20 -17.81 17.14
C SER A 157 -21.06 -16.81 17.25
N ASP A 158 -20.44 -16.74 18.43
CA ASP A 158 -19.23 -15.96 18.60
C ASP A 158 -17.97 -16.83 18.46
N LYS A 159 -18.14 -18.13 18.22
CA LYS A 159 -16.98 -19.00 18.07
C LYS A 159 -16.27 -18.70 16.75
N PRO A 160 -14.94 -18.90 16.62
CA PRO A 160 -14.25 -18.53 15.39
C PRO A 160 -14.62 -19.34 14.17
N VAL A 161 -14.79 -18.62 13.06
CA VAL A 161 -14.87 -19.18 11.72
C VAL A 161 -13.82 -18.47 10.89
N VAL A 162 -12.87 -19.24 10.36
CA VAL A 162 -11.75 -18.68 9.61
C VAL A 162 -11.77 -19.26 8.20
N ILE A 163 -11.76 -18.38 7.22
CA ILE A 163 -11.73 -18.79 5.83
C ILE A 163 -10.29 -18.67 5.33
N VAL A 164 -9.80 -19.70 4.61
CA VAL A 164 -8.43 -19.79 4.15
C VAL A 164 -8.41 -20.32 2.74
N GLY A 165 -7.38 -19.88 2.01
CA GLY A 165 -7.07 -20.41 0.70
C GLY A 165 -5.57 -20.30 0.43
N SER A 166 -5.17 -20.58 -0.79
CA SER A 166 -3.80 -20.37 -1.21
C SER A 166 -3.80 -19.78 -2.61
N MET A 167 -2.72 -19.05 -2.88
CA MET A 167 -2.51 -18.47 -4.19
C MET A 167 -1.67 -19.33 -5.12
N ARG A 168 -0.96 -20.32 -4.55
CA ARG A 168 -0.19 -21.27 -5.33
C ARG A 168 -0.78 -22.65 -5.08
N PRO A 169 -0.78 -23.52 -6.06
CA PRO A 169 -1.31 -24.87 -5.82
C PRO A 169 -0.42 -25.66 -4.87
N SER A 170 -0.99 -26.75 -4.32
CA SER A 170 -0.37 -27.52 -3.28
C SER A 170 0.98 -28.09 -3.74
N THR A 171 1.13 -28.29 -5.06
CA THR A 171 2.29 -28.84 -5.72
C THR A 171 3.40 -27.85 -6.03
N ALA A 172 3.14 -26.56 -5.89
CA ALA A 172 4.09 -25.54 -6.33
C ALA A 172 5.30 -25.49 -5.38
N ILE A 173 6.43 -25.07 -5.93
CA ILE A 173 7.52 -24.65 -5.07
C ILE A 173 7.07 -23.46 -4.22
N SER A 174 7.42 -23.57 -2.94
CA SER A 174 7.05 -22.59 -1.94
C SER A 174 5.54 -22.40 -1.93
N ALA A 175 4.78 -23.50 -2.04
CA ALA A 175 3.33 -23.45 -1.90
C ALA A 175 3.00 -22.75 -0.59
N ASP A 176 2.02 -21.83 -0.63
CA ASP A 176 1.62 -21.04 0.52
C ASP A 176 0.53 -21.68 1.37
N GLY A 177 -0.12 -22.72 0.85
CA GLY A 177 -1.24 -23.32 1.54
C GLY A 177 -0.92 -23.91 2.90
N PRO A 178 0.21 -24.66 3.05
CA PRO A 178 0.50 -25.23 4.36
C PRO A 178 0.56 -24.21 5.49
N SER A 179 1.30 -23.11 5.28
CA SER A 179 1.38 -22.08 6.31
C SER A 179 0.02 -21.44 6.53
N ASN A 180 -0.68 -21.12 5.42
CA ASN A 180 -2.00 -20.51 5.56
C ASN A 180 -2.93 -21.40 6.39
N LEU A 181 -2.95 -22.70 6.11
CA LEU A 181 -3.80 -23.60 6.84
C LEU A 181 -3.38 -23.70 8.32
N TYR A 182 -2.08 -23.86 8.61
CA TYR A 182 -1.59 -23.85 9.97
C TYR A 182 -2.09 -22.61 10.72
N ASN A 183 -1.85 -21.46 10.11
CA ASN A 183 -2.24 -20.20 10.74
C ASN A 183 -3.76 -20.06 10.91
N ALA A 184 -4.53 -20.59 9.96
CA ALA A 184 -6.00 -20.55 10.09
C ALA A 184 -6.47 -21.39 11.29
N VAL A 185 -5.85 -22.55 11.47
CA VAL A 185 -6.12 -23.41 12.61
C VAL A 185 -5.67 -22.78 13.93
N LYS A 186 -4.52 -22.13 13.92
CA LYS A 186 -4.02 -21.41 15.09
C LYS A 186 -5.00 -20.32 15.52
N VAL A 187 -5.46 -19.55 14.53
CA VAL A 187 -6.42 -18.50 14.82
C VAL A 187 -7.77 -19.05 15.29
N ALA A 188 -8.28 -20.10 14.62
CA ALA A 188 -9.58 -20.66 14.95
C ALA A 188 -9.60 -21.23 16.37
N GLY A 189 -8.42 -21.67 16.87
CA GLY A 189 -8.30 -22.17 18.24
C GLY A 189 -7.85 -21.16 19.30
N ALA A 190 -7.63 -19.91 18.91
CA ALA A 190 -7.16 -18.86 19.83
C ALA A 190 -8.35 -18.35 20.64
N PRO A 191 -8.31 -18.34 22.00
CA PRO A 191 -9.40 -17.77 22.77
C PRO A 191 -9.74 -16.33 22.37
N GLU A 192 -8.72 -15.53 22.01
CA GLU A 192 -8.96 -14.13 21.70
C GLU A 192 -9.66 -13.94 20.35
N ALA A 193 -9.79 -15.00 19.54
CA ALA A 193 -10.48 -14.91 18.26
C ALA A 193 -11.99 -14.88 18.46
N LYS A 194 -12.47 -15.22 19.67
CA LYS A 194 -13.91 -15.22 19.95
C LYS A 194 -14.43 -13.80 19.77
N GLY A 195 -15.58 -13.67 19.10
CA GLY A 195 -16.29 -12.40 19.00
C GLY A 195 -15.71 -11.44 17.95
N LYS A 196 -14.74 -11.88 17.15
CA LYS A 196 -14.08 -10.99 16.21
C LYS A 196 -14.82 -10.87 14.87
N GLY A 197 -15.87 -11.66 14.65
CA GLY A 197 -16.47 -11.77 13.34
C GLY A 197 -15.70 -12.77 12.45
N THR A 198 -16.29 -13.10 11.28
CA THR A 198 -15.63 -14.08 10.42
C THR A 198 -14.28 -13.50 9.98
N LEU A 199 -13.25 -14.37 9.97
CA LEU A 199 -11.87 -13.93 9.65
C LEU A 199 -11.39 -14.63 8.39
N VAL A 200 -10.47 -13.95 7.69
CA VAL A 200 -9.82 -14.45 6.50
C VAL A 200 -8.32 -14.45 6.79
N VAL A 201 -7.69 -15.62 6.73
CA VAL A 201 -6.28 -15.76 7.11
C VAL A 201 -5.47 -16.32 5.96
N LEU A 202 -4.60 -15.49 5.41
CA LEU A 202 -3.58 -15.86 4.43
C LEU A 202 -2.34 -15.00 4.74
N ASN A 203 -1.19 -15.57 4.39
CA ASN A 203 0.07 -14.80 4.38
C ASN A 203 0.35 -14.09 5.70
N ASP A 204 0.18 -14.81 6.81
CA ASP A 204 0.47 -14.29 8.14
C ASP A 204 -0.42 -13.13 8.57
N ARG A 205 -1.54 -12.90 7.85
CA ARG A 205 -2.44 -11.80 8.18
C ARG A 205 -3.82 -12.32 8.55
N ILE A 206 -4.49 -11.59 9.48
CA ILE A 206 -5.83 -11.98 9.96
C ILE A 206 -6.74 -10.80 9.62
N ALA A 207 -7.54 -10.96 8.55
CA ALA A 207 -8.39 -9.90 8.05
C ALA A 207 -9.84 -10.12 8.45
N SER A 208 -10.57 -9.03 8.73
N SER A 208 -10.56 -9.03 8.71
CA SER A 208 -12.02 -9.14 8.87
CA SER A 208 -12.00 -9.12 8.86
C SER A 208 -12.67 -9.42 7.51
C SER A 208 -12.67 -9.42 7.51
N ALA A 209 -13.65 -10.32 7.50
CA ALA A 209 -14.47 -10.50 6.29
C ALA A 209 -15.17 -9.20 5.87
N ARG A 210 -15.51 -8.32 6.83
CA ARG A 210 -16.21 -7.10 6.45
C ARG A 210 -15.32 -6.14 5.65
N TYR A 211 -14.00 -6.10 5.91
CA TYR A 211 -13.12 -5.13 5.26
C TYR A 211 -12.21 -5.71 4.17
N VAL A 212 -11.96 -7.00 4.15
CA VAL A 212 -10.96 -7.53 3.24
C VAL A 212 -11.50 -7.70 1.83
N THR A 213 -10.59 -7.67 0.86
N THR A 213 -10.60 -7.65 0.85
CA THR A 213 -10.88 -8.06 -0.51
CA THR A 213 -10.88 -8.04 -0.51
C THR A 213 -9.62 -8.68 -1.10
C THR A 213 -9.63 -8.65 -1.11
N LYS A 214 -9.82 -9.44 -2.20
CA LYS A 214 -8.73 -9.93 -3.02
C LYS A 214 -8.33 -8.81 -3.97
N THR A 215 -7.14 -8.22 -3.76
CA THR A 215 -6.73 -6.99 -4.44
C THR A 215 -5.86 -7.27 -5.66
N ASN A 216 -5.34 -8.48 -5.83
CA ASN A 216 -4.41 -8.83 -6.91
C ASN A 216 -4.77 -10.20 -7.46
N THR A 217 -4.63 -10.33 -8.78
CA THR A 217 -4.94 -11.56 -9.47
C THR A 217 -4.18 -12.78 -8.92
N THR A 218 -2.88 -12.65 -8.60
CA THR A 218 -2.01 -13.82 -8.48
C THR A 218 -1.05 -13.81 -7.28
N THR A 219 -0.87 -12.68 -6.60
CA THR A 219 0.19 -12.61 -5.60
C THR A 219 -0.22 -13.22 -4.26
N THR A 220 0.77 -13.71 -3.50
CA THR A 220 0.49 -14.36 -2.24
C THR A 220 -0.09 -13.38 -1.23
N ASP A 221 0.25 -12.08 -1.34
CA ASP A 221 -0.18 -11.03 -0.44
C ASP A 221 -1.43 -10.24 -0.90
N THR A 222 -2.25 -10.87 -1.68
CA THR A 222 -3.43 -10.26 -2.31
C THR A 222 -4.52 -9.78 -1.33
N PHE A 223 -4.79 -10.53 -0.26
CA PHE A 223 -5.91 -10.14 0.62
C PHE A 223 -5.46 -9.04 1.58
N LYS A 224 -6.07 -7.88 1.40
CA LYS A 224 -5.71 -6.67 2.13
C LYS A 224 -6.92 -5.77 2.33
N SER A 225 -6.80 -4.81 3.24
CA SER A 225 -7.69 -3.64 3.31
C SER A 225 -6.84 -2.36 3.45
N GLU A 226 -6.80 -1.55 2.40
CA GLU A 226 -5.96 -0.36 2.46
C GLU A 226 -6.39 0.58 3.59
N GLU A 227 -7.70 0.74 3.80
CA GLU A 227 -8.19 1.73 4.73
C GLU A 227 -8.39 1.20 6.14
N MET A 228 -8.70 -0.10 6.28
CA MET A 228 -9.03 -0.64 7.59
C MET A 228 -7.95 -1.60 8.13
N GLY A 229 -6.97 -1.98 7.31
CA GLY A 229 -5.95 -2.90 7.75
C GLY A 229 -6.52 -4.25 8.16
N PHE A 230 -5.74 -4.91 9.01
CA PHE A 230 -6.04 -6.25 9.48
C PHE A 230 -6.55 -6.22 10.92
N VAL A 231 -7.37 -7.21 11.28
CA VAL A 231 -7.72 -7.45 12.67
C VAL A 231 -6.45 -7.80 13.47
N GLY A 232 -5.54 -8.55 12.82
CA GLY A 232 -4.32 -8.92 13.49
C GLY A 232 -3.31 -9.50 12.52
N THR A 233 -2.09 -9.77 13.02
CA THR A 233 -1.06 -10.42 12.22
C THR A 233 -0.40 -11.51 13.03
N ILE A 234 0.42 -12.32 12.34
CA ILE A 234 1.07 -13.45 12.98
C ILE A 234 2.56 -13.33 12.72
N ALA A 235 3.34 -13.37 13.79
CA ALA A 235 4.79 -13.42 13.72
C ALA A 235 5.26 -14.34 14.82
N ASP A 236 5.14 -15.65 14.54
CA ASP A 236 5.21 -16.73 15.52
C ASP A 236 3.92 -16.75 16.34
N ASP A 237 3.72 -15.76 17.20
CA ASP A 237 2.51 -15.56 17.96
C ASP A 237 1.52 -14.72 17.18
N ILE A 238 0.27 -14.79 17.61
CA ILE A 238 -0.81 -13.95 17.10
C ILE A 238 -0.76 -12.61 17.83
N TYR A 239 -0.84 -11.53 17.05
CA TYR A 239 -0.98 -10.15 17.54
C TYR A 239 -2.31 -9.59 17.04
N PHE A 240 -3.31 -9.56 17.94
CA PHE A 240 -4.60 -8.93 17.64
C PHE A 240 -4.46 -7.43 17.84
N ASN A 241 -4.87 -6.64 16.82
CA ASN A 241 -4.67 -5.20 16.79
C ASN A 241 -5.97 -4.37 16.75
N ASN A 242 -7.00 -4.86 16.06
CA ASN A 242 -8.24 -4.13 15.85
C ASN A 242 -9.43 -5.06 16.10
N GLU A 243 -10.53 -4.45 16.56
CA GLU A 243 -11.85 -5.06 16.53
C GLU A 243 -12.74 -4.17 15.66
N ILE A 244 -13.47 -4.79 14.74
CA ILE A 244 -14.28 -3.98 13.86
C ILE A 244 -15.50 -3.42 14.59
N THR A 245 -16.01 -2.32 14.05
CA THR A 245 -17.18 -1.63 14.60
C THR A 245 -18.53 -2.05 14.02
N ARG A 246 -18.56 -2.79 12.94
CA ARG A 246 -19.82 -3.16 12.31
C ARG A 246 -20.43 -4.35 13.06
N LYS A 247 -21.75 -4.47 12.97
CA LYS A 247 -22.44 -5.59 13.57
C LYS A 247 -22.20 -6.84 12.73
N HIS A 248 -22.11 -7.98 13.41
CA HIS A 248 -21.77 -9.21 12.71
C HIS A 248 -22.29 -10.44 13.47
N THR A 249 -22.23 -11.58 12.79
CA THR A 249 -22.41 -12.91 13.33
C THR A 249 -23.65 -12.95 14.23
N LYS A 250 -23.44 -13.27 15.50
CA LYS A 250 -24.53 -13.52 16.41
C LYS A 250 -25.45 -12.32 16.59
N ASP A 251 -25.01 -11.13 16.19
CA ASP A 251 -25.77 -9.90 16.43
C ASP A 251 -26.53 -9.40 15.19
N THR A 252 -26.54 -10.14 14.06
CA THR A 252 -27.28 -9.66 12.90
C THR A 252 -28.72 -10.12 12.98
N ASP A 253 -29.51 -9.51 12.13
CA ASP A 253 -30.92 -9.82 12.04
C ASP A 253 -31.19 -10.94 11.03
N PHE A 254 -30.16 -11.54 10.45
CA PHE A 254 -30.35 -12.50 9.37
C PHE A 254 -30.21 -13.94 9.89
N SER A 255 -31.03 -14.80 9.31
CA SER A 255 -30.94 -16.22 9.52
C SER A 255 -31.18 -16.91 8.18
N VAL A 256 -30.43 -17.97 7.93
CA VAL A 256 -30.77 -18.70 6.74
C VAL A 256 -31.24 -20.11 7.09
N SER A 257 -31.63 -20.35 8.34
CA SER A 257 -32.01 -21.68 8.79
C SER A 257 -33.23 -22.25 8.04
N ASN A 258 -34.15 -21.41 7.54
CA ASN A 258 -35.29 -21.97 6.86
C ASN A 258 -35.29 -21.67 5.36
N LEU A 259 -34.16 -21.27 4.79
CA LEU A 259 -34.17 -20.81 3.41
C LEU A 259 -33.54 -21.84 2.52
N ASP A 260 -34.17 -22.09 1.36
CA ASP A 260 -33.63 -22.99 0.37
C ASP A 260 -33.09 -22.24 -0.84
N GLU A 261 -33.37 -20.94 -0.94
CA GLU A 261 -32.82 -20.10 -1.98
C GLU A 261 -32.75 -18.67 -1.43
N LEU A 262 -32.00 -17.83 -2.13
CA LEU A 262 -31.85 -16.41 -1.79
C LEU A 262 -32.45 -15.55 -2.90
N PRO A 263 -32.97 -14.34 -2.56
CA PRO A 263 -33.44 -13.41 -3.60
C PRO A 263 -32.35 -13.09 -4.64
N GLN A 264 -32.68 -13.13 -5.92
CA GLN A 264 -31.68 -12.96 -6.97
C GLN A 264 -31.16 -11.52 -6.97
N VAL A 265 -29.84 -11.40 -6.92
CA VAL A 265 -29.18 -10.10 -7.01
C VAL A 265 -28.10 -10.19 -8.09
N ASP A 266 -28.13 -9.24 -9.03
CA ASP A 266 -27.12 -9.19 -10.06
C ASP A 266 -26.31 -7.91 -9.97
N ILE A 267 -25.17 -7.91 -10.66
CA ILE A 267 -24.25 -6.78 -10.58
C ILE A 267 -24.01 -6.25 -12.00
N ILE A 268 -24.05 -4.90 -12.12
CA ILE A 268 -23.87 -4.19 -13.37
C ILE A 268 -22.71 -3.22 -13.20
N TYR A 269 -21.83 -3.10 -14.23
CA TYR A 269 -20.61 -2.33 -14.10
C TYR A 269 -20.75 -0.98 -14.80
N GLY A 270 -20.21 0.10 -14.21
CA GLY A 270 -20.21 1.40 -14.81
C GLY A 270 -18.95 1.73 -15.58
N TYR A 271 -19.11 2.35 -16.75
CA TYR A 271 -17.99 2.76 -17.59
C TYR A 271 -18.48 3.79 -18.60
N GLN A 272 -17.54 4.51 -19.24
CA GLN A 272 -17.93 5.42 -20.30
C GLN A 272 -18.69 4.71 -21.42
N ASN A 273 -19.76 5.35 -21.93
CA ASN A 273 -20.52 4.83 -23.05
C ASN A 273 -21.28 3.56 -22.67
N ASP A 274 -21.51 3.39 -21.36
CA ASP A 274 -22.37 2.28 -20.93
C ASP A 274 -23.82 2.62 -21.23
N GLY A 275 -24.69 1.70 -20.88
CA GLY A 275 -26.07 1.84 -21.28
C GLY A 275 -27.05 1.40 -20.20
N SER A 276 -28.31 1.34 -20.63
CA SER A 276 -29.38 0.85 -19.80
C SER A 276 -29.74 -0.61 -20.05
N TYR A 277 -29.32 -1.18 -21.19
CA TYR A 277 -29.81 -2.49 -21.60
C TYR A 277 -29.38 -3.61 -20.66
N LEU A 278 -28.25 -3.51 -19.95
CA LEU A 278 -27.87 -4.59 -19.03
C LEU A 278 -28.73 -4.55 -17.77
N PHE A 279 -29.12 -3.35 -17.29
CA PHE A 279 -30.14 -3.28 -16.24
C PHE A 279 -31.40 -3.98 -16.68
N ASP A 280 -31.86 -3.64 -17.89
CA ASP A 280 -33.09 -4.25 -18.35
C ASP A 280 -32.99 -5.78 -18.42
N ALA A 281 -31.84 -6.29 -18.87
CA ALA A 281 -31.66 -7.73 -18.96
C ALA A 281 -31.63 -8.40 -17.60
N ALA A 282 -31.01 -7.75 -16.60
CA ALA A 282 -31.03 -8.30 -15.22
C ALA A 282 -32.44 -8.38 -14.65
N VAL A 283 -33.24 -7.34 -14.87
CA VAL A 283 -34.62 -7.35 -14.42
C VAL A 283 -35.36 -8.50 -15.10
N LYS A 284 -35.22 -8.60 -16.43
CA LYS A 284 -35.92 -9.64 -17.17
C LYS A 284 -35.57 -11.04 -16.67
N ALA A 285 -34.29 -11.23 -16.30
CA ALA A 285 -33.76 -12.50 -15.80
C ALA A 285 -34.16 -12.81 -14.35
N GLY A 286 -34.91 -11.90 -13.71
CA GLY A 286 -35.50 -12.14 -12.40
C GLY A 286 -34.79 -11.48 -11.22
N ALA A 287 -33.95 -10.49 -11.47
CA ALA A 287 -33.30 -9.80 -10.37
C ALA A 287 -34.33 -9.16 -9.45
N LYS A 288 -34.16 -9.41 -8.14
CA LYS A 288 -34.87 -8.72 -7.08
C LYS A 288 -34.10 -7.52 -6.56
N GLY A 289 -32.76 -7.59 -6.73
CA GLY A 289 -31.90 -6.46 -6.44
C GLY A 289 -30.80 -6.38 -7.49
N ILE A 290 -30.26 -5.16 -7.66
CA ILE A 290 -29.11 -4.91 -8.52
C ILE A 290 -28.14 -4.05 -7.75
N VAL A 291 -26.86 -4.46 -7.81
CA VAL A 291 -25.76 -3.64 -7.34
C VAL A 291 -25.07 -3.07 -8.58
N PHE A 292 -24.88 -1.76 -8.57
CA PHE A 292 -24.21 -1.05 -9.63
C PHE A 292 -22.80 -0.66 -9.19
N ALA A 293 -21.80 -1.17 -9.91
CA ALA A 293 -20.40 -0.85 -9.60
C ALA A 293 -20.04 0.48 -10.29
N GLY A 294 -20.41 1.57 -9.64
CA GLY A 294 -20.27 2.86 -10.27
C GLY A 294 -18.84 3.40 -10.27
N SER A 295 -18.54 4.24 -11.25
N SER A 295 -18.56 4.25 -11.23
CA SER A 295 -17.28 4.99 -11.20
CA SER A 295 -17.34 5.04 -11.22
C SER A 295 -17.31 5.94 -10.02
C SER A 295 -17.32 5.94 -9.99
N GLY A 296 -16.13 6.14 -9.43
CA GLY A 296 -16.02 7.08 -8.33
C GLY A 296 -16.96 6.75 -7.17
N ASN A 297 -17.59 7.79 -6.62
CA ASN A 297 -18.46 7.66 -5.45
C ASN A 297 -19.87 7.23 -5.90
N GLY A 298 -19.95 6.02 -6.44
CA GLY A 298 -21.23 5.46 -6.88
C GLY A 298 -21.94 6.30 -7.94
N SER A 299 -21.17 6.90 -8.86
CA SER A 299 -21.77 7.75 -9.89
C SER A 299 -22.36 6.95 -11.02
N LEU A 300 -23.42 7.49 -11.64
CA LEU A 300 -24.07 6.89 -12.80
C LEU A 300 -24.07 7.86 -13.99
N SER A 301 -23.82 7.32 -15.18
CA SER A 301 -24.10 8.05 -16.40
C SER A 301 -25.59 8.28 -16.53
N ASP A 302 -25.98 9.16 -17.44
CA ASP A 302 -27.40 9.35 -17.71
C ASP A 302 -28.08 8.04 -18.15
N ALA A 303 -27.38 7.27 -18.99
CA ALA A 303 -27.91 5.99 -19.46
C ALA A 303 -28.06 4.98 -18.33
N ALA A 304 -27.03 4.88 -17.48
CA ALA A 304 -27.11 3.99 -16.33
C ALA A 304 -28.25 4.39 -15.39
N GLU A 305 -28.44 5.68 -15.20
CA GLU A 305 -29.48 6.18 -14.32
C GLU A 305 -30.87 5.86 -14.88
N LYS A 306 -31.02 5.92 -16.21
CA LYS A 306 -32.27 5.52 -16.84
C LYS A 306 -32.58 4.05 -16.54
N GLY A 307 -31.56 3.19 -16.69
CA GLY A 307 -31.75 1.76 -16.42
C GLY A 307 -32.07 1.53 -14.95
N ALA A 308 -31.35 2.22 -14.05
CA ALA A 308 -31.60 2.04 -12.62
C ALA A 308 -33.01 2.48 -12.23
N ASP A 309 -33.42 3.63 -12.75
CA ASP A 309 -34.73 4.18 -12.41
C ASP A 309 -35.84 3.25 -12.90
N SER A 310 -35.64 2.64 -14.07
N SER A 310 -35.66 2.66 -14.10
CA SER A 310 -36.62 1.72 -14.62
CA SER A 310 -36.61 1.69 -14.63
C SER A 310 -36.70 0.46 -13.77
C SER A 310 -36.72 0.49 -13.68
N ALA A 311 -35.57 0.00 -13.24
CA ALA A 311 -35.57 -1.17 -12.37
C ALA A 311 -36.31 -0.84 -11.07
N VAL A 312 -36.05 0.31 -10.46
CA VAL A 312 -36.74 0.65 -9.23
C VAL A 312 -38.25 0.70 -9.46
N LYS A 313 -38.70 1.25 -10.61
CA LYS A 313 -40.13 1.39 -10.88
C LYS A 313 -40.80 0.01 -11.00
N LYS A 314 -40.01 -1.02 -11.39
CA LYS A 314 -40.48 -2.38 -11.47
C LYS A 314 -40.29 -3.15 -10.18
N GLY A 315 -39.90 -2.47 -9.09
CA GLY A 315 -39.85 -3.11 -7.79
C GLY A 315 -38.53 -3.80 -7.44
N VAL A 316 -37.46 -3.52 -8.18
CA VAL A 316 -36.13 -4.03 -7.87
C VAL A 316 -35.45 -3.01 -6.97
N THR A 317 -34.73 -3.49 -5.96
CA THR A 317 -33.93 -2.61 -5.12
C THR A 317 -32.56 -2.40 -5.78
N VAL A 318 -32.14 -1.12 -5.93
CA VAL A 318 -30.85 -0.79 -6.55
C VAL A 318 -29.94 -0.12 -5.53
N VAL A 319 -28.75 -0.71 -5.39
CA VAL A 319 -27.69 -0.18 -4.53
C VAL A 319 -26.53 0.25 -5.43
N ARG A 320 -26.05 1.49 -5.18
CA ARG A 320 -24.86 2.00 -5.82
C ARG A 320 -23.64 1.64 -4.97
N SER A 321 -22.80 0.79 -5.54
CA SER A 321 -21.45 0.56 -5.05
C SER A 321 -20.45 1.29 -5.94
N THR A 322 -19.18 0.87 -5.86
CA THR A 322 -18.08 1.52 -6.59
C THR A 322 -17.19 0.47 -7.21
N ARG A 323 -16.63 0.80 -8.36
CA ARG A 323 -15.65 -0.05 -9.05
C ARG A 323 -14.21 0.32 -8.58
N THR A 324 -14.04 1.35 -7.77
CA THR A 324 -12.67 1.88 -7.43
C THR A 324 -11.85 0.90 -6.59
N GLY A 325 -12.47 0.20 -5.66
CA GLY A 325 -11.82 -0.75 -4.79
C GLY A 325 -11.80 -0.39 -3.33
N ASN A 326 -11.97 0.90 -2.99
CA ASN A 326 -11.80 1.37 -1.62
C ASN A 326 -12.68 2.61 -1.40
N GLY A 327 -12.87 2.95 -0.13
CA GLY A 327 -13.61 4.13 0.25
C GLY A 327 -15.09 3.86 0.50
N VAL A 328 -15.78 4.93 0.87
N VAL A 328 -15.80 4.89 0.94
CA VAL A 328 -17.20 4.89 1.20
CA VAL A 328 -17.23 4.78 1.13
C VAL A 328 -18.03 5.45 0.04
C VAL A 328 -17.98 5.39 -0.04
N VAL A 329 -19.07 4.72 -0.37
CA VAL A 329 -20.08 5.29 -1.24
C VAL A 329 -21.10 5.98 -0.34
N THR A 330 -21.15 7.31 -0.43
CA THR A 330 -21.89 8.13 0.49
C THR A 330 -23.32 8.33 -0.02
N PRO A 331 -24.26 8.68 0.88
CA PRO A 331 -25.58 9.04 0.43
C PRO A 331 -25.44 10.33 -0.36
N ASN A 332 -26.35 10.44 -1.31
CA ASN A 332 -26.40 11.50 -2.28
C ASN A 332 -27.87 11.89 -2.35
N GLN A 333 -28.19 13.18 -2.16
CA GLN A 333 -29.57 13.58 -1.98
C GLN A 333 -30.41 13.23 -3.23
N ASP A 334 -29.89 13.54 -4.43
CA ASP A 334 -30.63 13.32 -5.67
C ASP A 334 -30.85 11.81 -5.87
N TYR A 335 -29.80 10.99 -5.64
CA TYR A 335 -29.96 9.56 -5.79
C TYR A 335 -30.85 8.98 -4.68
N ALA A 336 -30.70 9.42 -3.43
CA ALA A 336 -31.49 8.85 -2.35
C ALA A 336 -32.99 9.15 -2.52
N GLU A 337 -33.34 10.34 -3.05
CA GLU A 337 -34.73 10.70 -3.28
C GLU A 337 -35.37 9.70 -4.26
N LYS A 338 -34.58 9.03 -5.10
CA LYS A 338 -35.07 8.07 -6.07
C LYS A 338 -34.75 6.62 -5.67
N ASP A 339 -34.37 6.42 -4.41
CA ASP A 339 -34.11 5.09 -3.85
C ASP A 339 -32.95 4.38 -4.56
N LEU A 340 -31.96 5.15 -5.02
CA LEU A 340 -30.71 4.56 -5.48
C LEU A 340 -29.72 4.62 -4.32
N LEU A 341 -29.65 3.51 -3.58
CA LEU A 341 -29.06 3.48 -2.25
C LEU A 341 -27.54 3.52 -2.32
N ALA A 342 -26.90 3.74 -1.17
CA ALA A 342 -25.45 3.85 -1.06
C ALA A 342 -24.89 2.59 -0.38
N SER A 343 -23.80 2.04 -0.95
CA SER A 343 -23.23 0.80 -0.41
C SER A 343 -22.25 0.98 0.73
N ASN A 344 -22.02 2.19 1.24
CA ASN A 344 -21.08 2.37 2.35
C ASN A 344 -19.72 1.87 1.85
N SER A 345 -18.95 1.21 2.70
CA SER A 345 -17.64 0.70 2.31
C SER A 345 -17.68 -0.75 1.85
N LEU A 346 -18.80 -1.19 1.29
CA LEU A 346 -18.93 -2.49 0.64
C LEU A 346 -18.74 -2.38 -0.87
N ASN A 347 -17.82 -3.22 -1.38
CA ASN A 347 -17.55 -3.31 -2.79
C ASN A 347 -18.69 -4.07 -3.45
N PRO A 348 -18.71 -4.23 -4.80
CA PRO A 348 -19.98 -4.65 -5.43
C PRO A 348 -20.40 -6.06 -4.99
N GLN A 349 -19.45 -6.98 -4.99
CA GLN A 349 -19.76 -8.38 -4.70
C GLN A 349 -20.11 -8.57 -3.23
N LYS A 350 -19.49 -7.83 -2.32
CA LYS A 350 -19.86 -7.93 -0.91
C LYS A 350 -21.21 -7.24 -0.66
N ALA A 351 -21.45 -6.12 -1.33
CA ALA A 351 -22.76 -5.47 -1.26
C ALA A 351 -23.86 -6.43 -1.73
N ARG A 352 -23.59 -7.21 -2.77
CA ARG A 352 -24.59 -8.19 -3.22
C ARG A 352 -25.00 -9.12 -2.09
N MET A 353 -24.04 -9.61 -1.32
CA MET A 353 -24.37 -10.56 -0.21
C MET A 353 -25.31 -9.87 0.80
N LEU A 354 -25.02 -8.64 1.19
CA LEU A 354 -25.88 -7.97 2.15
C LEU A 354 -27.24 -7.70 1.52
N LEU A 355 -27.30 -7.32 0.24
CA LEU A 355 -28.57 -7.00 -0.39
C LEU A 355 -29.44 -8.25 -0.46
N MET A 356 -28.88 -9.41 -0.81
CA MET A 356 -29.66 -10.63 -0.86
C MET A 356 -30.29 -10.89 0.52
N LEU A 357 -29.50 -10.80 1.59
CA LEU A 357 -30.02 -11.06 2.93
C LEU A 357 -31.01 -9.97 3.36
N ALA A 358 -30.78 -8.71 3.02
CA ALA A 358 -31.75 -7.67 3.36
C ALA A 358 -33.11 -8.00 2.75
N LEU A 359 -33.10 -8.50 1.50
CA LEU A 359 -34.34 -8.75 0.80
C LEU A 359 -35.08 -9.96 1.38
N THR A 360 -34.43 -10.76 2.24
CA THR A 360 -35.12 -11.84 2.94
C THR A 360 -35.97 -11.26 4.09
N LYS A 361 -35.69 -10.01 4.48
CA LYS A 361 -36.37 -9.36 5.61
C LYS A 361 -37.34 -8.25 5.19
N THR A 362 -37.02 -7.51 4.13
CA THR A 362 -37.79 -6.32 3.79
C THR A 362 -37.57 -5.86 2.38
N ASN A 363 -38.53 -5.13 1.82
CA ASN A 363 -38.33 -4.42 0.58
C ASN A 363 -38.28 -2.90 0.77
N ASP A 364 -38.27 -2.44 2.03
CA ASP A 364 -38.30 -1.01 2.35
C ASP A 364 -36.93 -0.41 2.09
N PRO A 365 -36.75 0.55 1.16
CA PRO A 365 -35.43 1.08 0.85
C PRO A 365 -34.75 1.79 2.00
N GLN A 366 -35.53 2.40 2.90
CA GLN A 366 -34.93 3.04 4.07
C GLN A 366 -34.36 2.02 5.06
N LYS A 367 -35.04 0.87 5.22
CA LYS A 367 -34.56 -0.17 6.11
C LYS A 367 -33.33 -0.86 5.50
N ILE A 368 -33.33 -1.05 4.17
CA ILE A 368 -32.18 -1.60 3.49
C ILE A 368 -30.98 -0.67 3.64
N GLN A 369 -31.18 0.64 3.43
CA GLN A 369 -30.08 1.58 3.59
C GLN A 369 -29.51 1.51 5.00
N ALA A 370 -30.37 1.38 6.00
CA ALA A 370 -29.91 1.31 7.39
C ALA A 370 -29.06 0.06 7.59
N TYR A 371 -29.44 -1.07 6.97
CA TYR A 371 -28.57 -2.23 7.03
C TYR A 371 -27.17 -1.94 6.48
N PHE A 372 -27.11 -1.25 5.33
CA PHE A 372 -25.86 -0.92 4.68
C PHE A 372 -24.97 -0.03 5.54
N ASN A 373 -25.53 0.66 6.53
CA ASN A 373 -24.79 1.51 7.44
C ASN A 373 -24.31 0.80 8.70
N GLU A 374 -24.90 -0.36 9.00
CA GLU A 374 -24.54 -1.01 10.24
C GLU A 374 -23.78 -2.33 10.09
N TYR A 375 -23.93 -3.02 8.95
CA TYR A 375 -23.34 -4.34 8.72
C TYR A 375 -22.07 -4.32 7.87
N GLU B 46 24.00 -31.25 -29.13
CA GLU B 46 23.54 -32.31 -28.20
C GLU B 46 23.00 -31.76 -26.88
N LYS B 47 23.39 -30.56 -26.48
CA LYS B 47 22.91 -29.94 -25.25
C LYS B 47 21.87 -28.86 -25.57
N LYS B 48 20.96 -28.62 -24.65
CA LYS B 48 20.08 -27.47 -24.72
C LYS B 48 20.88 -26.22 -24.37
N ASP B 49 20.72 -25.15 -25.16
CA ASP B 49 21.33 -23.86 -24.90
C ASP B 49 20.52 -23.16 -23.82
N LEU B 50 21.20 -22.86 -22.71
CA LEU B 50 20.61 -22.17 -21.58
C LEU B 50 21.57 -21.11 -21.09
N PRO B 51 21.09 -20.04 -20.42
CA PRO B 51 21.99 -19.03 -19.88
C PRO B 51 22.82 -19.62 -18.74
N ASN B 52 24.06 -19.12 -18.65
CA ASN B 52 24.99 -19.50 -17.61
C ASN B 52 24.84 -18.52 -16.46
N ILE B 53 24.22 -19.00 -15.38
CA ILE B 53 23.92 -18.18 -14.22
C ILE B 53 24.75 -18.69 -13.06
N ARG B 54 25.49 -17.77 -12.44
CA ARG B 54 26.30 -18.08 -11.26
C ARG B 54 25.65 -17.51 -10.01
N ILE B 55 25.50 -18.38 -9.01
CA ILE B 55 25.02 -17.99 -7.69
C ILE B 55 26.21 -17.72 -6.79
N LEU B 56 26.24 -16.53 -6.17
CA LEU B 56 27.23 -16.13 -5.18
C LEU B 56 26.50 -16.06 -3.84
N ALA B 57 26.83 -16.99 -2.96
CA ALA B 57 26.18 -17.03 -1.65
C ALA B 57 27.00 -16.24 -0.63
N THR B 58 26.28 -15.49 0.22
CA THR B 58 26.90 -14.70 1.26
C THR B 58 26.55 -15.17 2.67
N GLY B 59 25.63 -16.11 2.80
CA GLY B 59 25.24 -16.70 4.07
C GLY B 59 24.87 -18.18 3.89
N GLY B 60 23.93 -18.56 4.76
CA GLY B 60 23.42 -19.91 4.78
C GLY B 60 22.50 -20.17 3.57
N THR B 61 21.86 -21.32 3.55
CA THR B 61 21.04 -21.70 2.42
C THR B 61 19.64 -21.14 2.59
N ILE B 62 19.09 -20.59 1.51
CA ILE B 62 17.78 -20.01 1.55
C ILE B 62 16.77 -21.05 1.03
N ALA B 63 17.24 -22.17 0.44
CA ALA B 63 16.33 -23.22 -0.04
C ALA B 63 16.90 -24.58 0.33
N GLY B 64 16.03 -25.48 0.82
CA GLY B 64 16.45 -26.83 1.19
C GLY B 64 15.86 -27.27 2.53
N GLY B 81 25.63 -26.44 2.06
CA GLY B 81 26.55 -25.68 1.19
C GLY B 81 25.83 -25.10 -0.02
N VAL B 82 26.49 -24.19 -0.77
CA VAL B 82 25.88 -23.62 -1.98
C VAL B 82 25.61 -24.75 -2.97
N GLU B 83 26.38 -25.84 -2.91
CA GLU B 83 26.23 -26.95 -3.85
C GLU B 83 24.89 -27.63 -3.64
N SER B 84 24.36 -27.56 -2.40
CA SER B 84 23.14 -28.26 -2.02
C SER B 84 21.95 -27.36 -2.27
N LEU B 85 22.15 -26.11 -1.80
CA LEU B 85 21.27 -25.04 -2.15
C LEU B 85 20.79 -25.24 -3.59
N ILE B 86 21.78 -25.51 -4.43
CA ILE B 86 21.52 -25.61 -5.86
C ILE B 86 20.72 -26.85 -6.11
N GLU B 87 20.95 -27.96 -5.40
CA GLU B 87 20.17 -29.21 -5.61
C GLU B 87 18.75 -29.24 -4.98
N ALA B 88 18.48 -28.33 -4.07
CA ALA B 88 17.17 -28.17 -3.44
C ALA B 88 16.11 -27.56 -4.36
N VAL B 89 16.57 -26.88 -5.44
CA VAL B 89 15.66 -26.25 -6.39
C VAL B 89 16.01 -26.76 -7.77
N PRO B 90 15.74 -28.07 -8.04
CA PRO B 90 16.15 -28.66 -9.30
C PRO B 90 15.41 -28.08 -10.50
N GLU B 91 14.31 -27.40 -10.25
CA GLU B 91 13.59 -26.70 -11.31
C GLU B 91 14.46 -25.67 -12.03
N MET B 92 15.49 -25.13 -11.38
CA MET B 92 16.35 -24.15 -12.02
C MET B 92 17.03 -24.74 -13.26
N LYS B 93 17.24 -26.06 -13.30
CA LYS B 93 17.93 -26.68 -14.42
C LYS B 93 17.15 -26.51 -15.72
N ASP B 94 15.84 -26.30 -15.63
CA ASP B 94 14.97 -26.13 -16.79
C ASP B 94 15.29 -24.83 -17.51
N ILE B 95 15.81 -23.81 -16.80
CA ILE B 95 15.94 -22.45 -17.33
C ILE B 95 17.34 -21.88 -17.27
N ALA B 96 18.33 -22.63 -16.78
CA ALA B 96 19.69 -22.10 -16.68
C ALA B 96 20.66 -23.25 -16.49
N ASN B 97 21.91 -22.98 -16.89
CA ASN B 97 23.03 -23.79 -16.42
C ASN B 97 23.58 -23.09 -15.19
N VAL B 98 23.24 -23.65 -14.02
CA VAL B 98 23.54 -22.99 -12.76
C VAL B 98 24.83 -23.53 -12.18
N SER B 99 25.65 -22.60 -11.67
CA SER B 99 26.84 -22.93 -10.92
C SER B 99 26.82 -22.04 -9.67
N GLY B 100 27.65 -22.34 -8.68
CA GLY B 100 27.62 -21.60 -7.44
C GLY B 100 28.97 -21.53 -6.74
N GLU B 101 29.07 -20.49 -5.92
CA GLU B 101 30.24 -20.30 -5.08
C GLU B 101 29.84 -19.56 -3.82
N GLN B 102 30.55 -19.89 -2.75
CA GLN B 102 30.36 -19.24 -1.46
C GLN B 102 31.40 -18.12 -1.36
N ILE B 103 30.94 -16.89 -1.31
CA ILE B 103 31.82 -15.72 -1.19
C ILE B 103 32.29 -15.58 0.24
N VAL B 104 31.32 -15.46 1.12
CA VAL B 104 31.48 -15.34 2.55
C VAL B 104 30.32 -16.13 3.15
N ASN B 105 30.29 -16.25 4.46
CA ASN B 105 29.19 -16.94 5.11
C ASN B 105 28.86 -16.26 6.44
N VAL B 106 28.03 -15.22 6.37
CA VAL B 106 27.67 -14.40 7.52
C VAL B 106 26.17 -14.06 7.51
N GLY B 107 25.66 -13.74 8.72
CA GLY B 107 24.37 -13.10 8.82
C GLY B 107 24.48 -11.69 8.25
N SER B 108 23.40 -11.18 7.66
CA SER B 108 23.52 -9.95 6.89
C SER B 108 23.87 -8.73 7.75
N THR B 109 23.55 -8.69 9.04
CA THR B 109 24.00 -7.58 9.87
C THR B 109 25.51 -7.52 9.96
N ASN B 110 26.21 -8.60 9.65
CA ASN B 110 27.67 -8.67 9.72
C ASN B 110 28.33 -8.55 8.34
N ILE B 111 27.58 -8.21 7.30
CA ILE B 111 28.15 -7.78 6.02
C ILE B 111 28.71 -6.39 6.26
N ASP B 112 29.96 -6.16 5.83
CA ASP B 112 30.66 -4.91 6.09
C ASP B 112 31.36 -4.43 4.82
N ASN B 113 32.06 -3.29 4.92
CA ASN B 113 32.68 -2.68 3.75
C ASN B 113 33.72 -3.61 3.13
N LYS B 114 34.49 -4.35 3.94
CA LYS B 114 35.46 -5.29 3.41
C LYS B 114 34.79 -6.32 2.50
N ILE B 115 33.67 -6.88 2.98
CA ILE B 115 32.96 -7.87 2.21
C ILE B 115 32.37 -7.26 0.94
N LEU B 116 31.77 -6.08 1.05
CA LEU B 116 31.22 -5.44 -0.14
C LEU B 116 32.27 -5.24 -1.24
N LEU B 117 33.49 -4.82 -0.85
CA LEU B 117 34.52 -4.63 -1.85
C LEU B 117 34.89 -5.96 -2.50
N LYS B 118 35.02 -7.03 -1.70
CA LYS B 118 35.32 -8.34 -2.25
C LYS B 118 34.23 -8.80 -3.22
N LEU B 119 32.98 -8.61 -2.83
CA LEU B 119 31.82 -9.03 -3.62
C LEU B 119 31.72 -8.25 -4.94
N ALA B 120 31.87 -6.92 -4.90
CA ALA B 120 31.78 -6.12 -6.11
C ALA B 120 32.93 -6.49 -7.05
N LYS B 121 34.15 -6.68 -6.51
CA LYS B 121 35.28 -7.03 -7.37
C LYS B 121 35.06 -8.39 -8.06
N ARG B 122 34.53 -9.35 -7.28
CA ARG B 122 34.29 -10.65 -7.86
C ARG B 122 33.21 -10.63 -8.95
N ILE B 123 32.13 -9.91 -8.69
CA ILE B 123 31.07 -9.77 -9.68
C ILE B 123 31.62 -9.10 -10.94
N ASN B 124 32.40 -8.01 -10.79
CA ASN B 124 32.93 -7.35 -11.97
C ASN B 124 33.81 -8.30 -12.78
N HIS B 125 34.67 -9.07 -12.10
CA HIS B 125 35.49 -10.03 -12.80
C HIS B 125 34.66 -11.07 -13.58
N LEU B 126 33.64 -11.65 -12.90
CA LEU B 126 32.84 -12.69 -13.53
C LEU B 126 32.05 -12.14 -14.74
N LEU B 127 31.43 -10.94 -14.57
CA LEU B 127 30.61 -10.42 -15.64
C LEU B 127 31.43 -9.98 -16.87
N ALA B 128 32.72 -9.71 -16.67
CA ALA B 128 33.60 -9.41 -17.79
C ALA B 128 33.83 -10.63 -18.67
N SER B 129 33.58 -11.83 -18.15
CA SER B 129 33.80 -13.04 -18.92
C SER B 129 32.61 -13.39 -19.79
N ASP B 130 32.88 -14.04 -20.93
CA ASP B 130 31.80 -14.46 -21.82
C ASP B 130 31.12 -15.72 -21.30
N ASP B 131 31.65 -16.36 -20.27
CA ASP B 131 31.05 -17.58 -19.75
C ASP B 131 30.00 -17.36 -18.65
N VAL B 132 29.76 -16.10 -18.27
CA VAL B 132 28.74 -15.77 -17.27
C VAL B 132 27.76 -14.79 -17.88
N ASP B 133 26.49 -15.20 -17.95
CA ASP B 133 25.42 -14.36 -18.50
C ASP B 133 24.73 -13.50 -17.44
N GLY B 134 24.72 -13.94 -16.21
CA GLY B 134 24.05 -13.23 -15.13
C GLY B 134 24.44 -13.83 -13.78
N ILE B 135 24.20 -13.06 -12.72
CA ILE B 135 24.56 -13.46 -11.38
C ILE B 135 23.35 -13.30 -10.45
N VAL B 136 23.24 -14.26 -9.52
CA VAL B 136 22.30 -14.19 -8.42
C VAL B 136 23.11 -14.20 -7.14
N VAL B 137 22.88 -13.23 -6.25
CA VAL B 137 23.53 -13.18 -4.95
C VAL B 137 22.49 -13.55 -3.90
N THR B 138 22.75 -14.61 -3.13
CA THR B 138 21.90 -14.96 -2.00
C THR B 138 22.40 -14.26 -0.75
N HIS B 139 21.47 -13.69 0.03
CA HIS B 139 21.83 -12.74 1.07
C HIS B 139 20.76 -12.70 2.15
N GLY B 140 21.14 -12.44 3.38
CA GLY B 140 20.17 -12.22 4.43
C GLY B 140 19.33 -10.98 4.15
N THR B 141 18.07 -11.00 4.52
CA THR B 141 17.17 -9.90 4.17
C THR B 141 17.48 -8.62 4.96
N ASP B 142 18.01 -8.72 6.18
CA ASP B 142 18.07 -7.53 7.04
C ASP B 142 18.75 -6.33 6.36
N THR B 143 19.92 -6.57 5.77
CA THR B 143 20.71 -5.54 5.13
C THR B 143 20.85 -5.73 3.62
N LEU B 144 19.99 -6.56 3.04
CA LEU B 144 20.01 -6.83 1.62
C LEU B 144 20.02 -5.52 0.81
N GLU B 145 19.14 -4.57 1.19
CA GLU B 145 19.00 -3.33 0.43
C GLU B 145 20.31 -2.51 0.39
N GLU B 146 21.13 -2.62 1.44
CA GLU B 146 22.42 -1.92 1.49
C GLU B 146 23.38 -2.50 0.46
N THR B 147 23.51 -3.81 0.48
CA THR B 147 24.37 -4.48 -0.48
C THR B 147 23.89 -4.26 -1.91
N ALA B 148 22.56 -4.39 -2.12
CA ALA B 148 21.99 -4.29 -3.47
C ALA B 148 22.28 -2.90 -4.05
N TYR B 149 22.08 -1.86 -3.24
CA TYR B 149 22.28 -0.49 -3.74
C TYR B 149 23.79 -0.22 -3.95
N PHE B 150 24.64 -0.76 -3.08
CA PHE B 150 26.09 -0.61 -3.30
C PHE B 150 26.50 -1.21 -4.64
N LEU B 151 25.98 -2.42 -4.92
CA LEU B 151 26.30 -3.06 -6.20
C LEU B 151 25.73 -2.26 -7.37
N ASN B 152 24.54 -1.69 -7.18
CA ASN B 152 23.95 -0.85 -8.21
C ASN B 152 24.86 0.30 -8.62
N LEU B 153 25.73 0.75 -7.72
CA LEU B 153 26.58 1.89 -8.00
C LEU B 153 27.99 1.45 -8.46
N THR B 154 28.35 0.18 -8.31
CA THR B 154 29.74 -0.25 -8.50
C THR B 154 29.96 -1.39 -9.50
N VAL B 155 28.90 -2.08 -9.91
CA VAL B 155 29.01 -3.09 -10.94
C VAL B 155 29.04 -2.46 -12.31
N LYS B 156 30.09 -2.68 -13.05
CA LYS B 156 30.35 -1.94 -14.28
C LYS B 156 30.06 -2.81 -15.49
N SER B 157 28.83 -3.28 -15.56
CA SER B 157 28.33 -4.19 -16.58
C SER B 157 26.83 -3.96 -16.66
N ASP B 158 26.23 -4.21 -17.81
CA ASP B 158 24.77 -4.19 -17.93
C ASP B 158 24.17 -5.58 -17.83
N LYS B 159 24.98 -6.62 -17.59
CA LYS B 159 24.43 -7.94 -17.40
C LYS B 159 23.65 -7.98 -16.09
N PRO B 160 22.65 -8.88 -15.95
CA PRO B 160 21.84 -8.87 -14.72
C PRO B 160 22.58 -9.37 -13.46
N VAL B 161 22.36 -8.62 -12.39
CA VAL B 161 22.73 -9.01 -11.03
C VAL B 161 21.46 -8.91 -10.21
N VAL B 162 21.05 -10.05 -9.67
CA VAL B 162 19.81 -10.17 -8.91
C VAL B 162 20.15 -10.62 -7.50
N ILE B 163 19.67 -9.84 -6.53
CA ILE B 163 19.89 -10.15 -5.12
C ILE B 163 18.59 -10.78 -4.57
N VAL B 164 18.73 -11.87 -3.82
CA VAL B 164 17.59 -12.65 -3.35
C VAL B 164 17.83 -13.09 -1.93
N GLY B 165 16.72 -13.24 -1.17
CA GLY B 165 16.76 -13.83 0.15
C GLY B 165 15.43 -14.52 0.44
N SER B 166 15.27 -14.95 1.67
CA SER B 166 14.03 -15.55 2.13
C SER B 166 13.68 -15.00 3.49
N MET B 167 12.38 -14.80 3.71
CA MET B 167 11.85 -14.32 4.97
C MET B 167 11.55 -15.45 5.95
N ARG B 168 11.40 -16.67 5.43
CA ARG B 168 11.17 -17.83 6.28
C ARG B 168 12.38 -18.73 6.12
N PRO B 169 12.80 -19.39 7.19
CA PRO B 169 13.93 -20.31 7.06
C PRO B 169 13.61 -21.46 6.11
N SER B 170 14.66 -22.05 5.55
CA SER B 170 14.51 -23.07 4.54
C SER B 170 13.73 -24.26 5.07
N THR B 171 13.75 -24.50 6.40
CA THR B 171 13.09 -25.61 7.06
C THR B 171 11.65 -25.33 7.48
N ALA B 172 11.17 -24.10 7.27
CA ALA B 172 9.86 -23.67 7.75
C ALA B 172 8.74 -24.21 6.87
N ILE B 173 7.52 -24.22 7.43
CA ILE B 173 6.31 -24.45 6.67
C ILE B 173 6.17 -23.36 5.59
N SER B 174 5.97 -23.77 4.34
CA SER B 174 5.83 -22.84 3.21
C SER B 174 7.01 -21.90 3.09
N ALA B 175 8.24 -22.44 3.22
CA ALA B 175 9.44 -21.63 3.04
C ALA B 175 9.39 -20.95 1.68
N ASP B 176 9.73 -19.67 1.65
CA ASP B 176 9.64 -18.83 0.45
C ASP B 176 10.93 -18.86 -0.38
N GLY B 177 12.02 -19.39 0.17
CA GLY B 177 13.31 -19.42 -0.53
C GLY B 177 13.31 -20.10 -1.89
N PRO B 178 12.74 -21.32 -2.03
CA PRO B 178 12.79 -22.02 -3.30
C PRO B 178 12.19 -21.18 -4.44
N SER B 179 10.96 -20.66 -4.27
CA SER B 179 10.37 -19.84 -5.32
C SER B 179 11.21 -18.58 -5.57
N ASN B 180 11.66 -17.92 -4.49
CA ASN B 180 12.46 -16.70 -4.66
C ASN B 180 13.72 -16.99 -5.49
N LEU B 181 14.42 -18.07 -5.15
CA LEU B 181 15.64 -18.41 -5.87
C LEU B 181 15.37 -18.76 -7.33
N TYR B 182 14.33 -19.57 -7.60
CA TYR B 182 13.95 -19.91 -8.96
C TYR B 182 13.68 -18.63 -9.76
N ASN B 183 12.86 -17.74 -9.18
CA ASN B 183 12.52 -16.51 -9.86
C ASN B 183 13.74 -15.61 -10.06
N ALA B 184 14.67 -15.62 -9.10
CA ALA B 184 15.89 -14.84 -9.26
C ALA B 184 16.72 -15.32 -10.46
N VAL B 185 16.82 -16.65 -10.60
CA VAL B 185 17.54 -17.23 -11.71
C VAL B 185 16.82 -17.00 -13.04
N LYS B 186 15.47 -17.04 -13.02
CA LYS B 186 14.68 -16.71 -14.20
C LYS B 186 14.95 -15.27 -14.67
N VAL B 187 14.94 -14.32 -13.74
CA VAL B 187 15.21 -12.93 -14.08
C VAL B 187 16.65 -12.77 -14.56
N ALA B 188 17.61 -13.40 -13.87
CA ALA B 188 19.02 -13.20 -14.19
C ALA B 188 19.34 -13.68 -15.61
N GLY B 189 18.59 -14.68 -16.10
CA GLY B 189 18.76 -15.21 -17.45
C GLY B 189 17.86 -14.63 -18.53
N ALA B 190 16.99 -13.67 -18.17
CA ALA B 190 16.08 -13.05 -19.11
C ALA B 190 16.82 -12.01 -19.93
N PRO B 191 16.78 -12.07 -21.26
CA PRO B 191 17.39 -11.00 -22.07
C PRO B 191 16.96 -9.58 -21.68
N GLU B 192 15.67 -9.41 -21.36
CA GLU B 192 15.11 -8.10 -21.10
C GLU B 192 15.57 -7.54 -19.75
N ALA B 193 16.25 -8.35 -18.94
CA ALA B 193 16.79 -7.84 -17.66
C ALA B 193 18.10 -7.08 -17.87
N LYS B 194 18.71 -7.15 -19.05
CA LYS B 194 19.92 -6.40 -19.33
C LYS B 194 19.64 -4.90 -19.19
N GLY B 195 20.54 -4.16 -18.55
CA GLY B 195 20.47 -2.71 -18.47
C GLY B 195 19.45 -2.14 -17.48
N LYS B 196 18.91 -2.97 -16.59
CA LYS B 196 17.84 -2.47 -15.68
C LYS B 196 18.40 -2.00 -14.33
N GLY B 197 19.73 -2.11 -14.13
CA GLY B 197 20.29 -1.87 -12.82
C GLY B 197 20.14 -3.10 -11.93
N THR B 198 20.76 -3.05 -10.75
CA THR B 198 20.72 -4.20 -9.87
C THR B 198 19.28 -4.40 -9.41
N LEU B 199 18.86 -5.66 -9.38
CA LEU B 199 17.47 -6.03 -9.07
C LEU B 199 17.40 -6.85 -7.78
N VAL B 200 16.29 -6.71 -7.06
CA VAL B 200 15.97 -7.45 -5.86
C VAL B 200 14.69 -8.24 -6.16
N VAL B 201 14.77 -9.56 -6.03
CA VAL B 201 13.65 -10.44 -6.42
C VAL B 201 13.23 -11.27 -5.22
N LEU B 202 12.04 -10.97 -4.70
CA LEU B 202 11.39 -11.81 -3.69
C LEU B 202 9.89 -11.73 -3.96
N ASN B 203 9.18 -12.82 -3.62
CA ASN B 203 7.72 -12.79 -3.61
C ASN B 203 7.12 -12.36 -4.94
N ASP B 204 7.64 -12.89 -6.04
CA ASP B 204 7.13 -12.66 -7.39
C ASP B 204 7.31 -11.22 -7.83
N ARG B 205 8.12 -10.44 -7.15
CA ARG B 205 8.31 -9.04 -7.50
C ARG B 205 9.77 -8.77 -7.90
N ILE B 206 9.95 -7.87 -8.86
CA ILE B 206 11.27 -7.49 -9.38
C ILE B 206 11.46 -6.01 -9.04
N ALA B 207 12.24 -5.72 -8.00
CA ALA B 207 12.40 -4.34 -7.53
C ALA B 207 13.76 -3.78 -7.94
N SER B 208 13.81 -2.48 -8.25
N SER B 208 13.79 -2.47 -8.23
CA SER B 208 15.11 -1.82 -8.37
CA SER B 208 15.08 -1.81 -8.37
C SER B 208 15.80 -1.70 -7.03
C SER B 208 15.80 -1.68 -7.03
N ALA B 209 17.12 -1.93 -7.00
CA ALA B 209 17.89 -1.63 -5.81
C ALA B 209 17.81 -0.16 -5.41
N ARG B 210 17.64 0.75 -6.38
CA ARG B 210 17.58 2.17 -6.06
C ARG B 210 16.31 2.54 -5.27
N TYR B 211 15.19 1.83 -5.54
CA TYR B 211 13.92 2.25 -4.91
C TYR B 211 13.45 1.32 -3.77
N VAL B 212 13.90 0.09 -3.70
CA VAL B 212 13.33 -0.87 -2.78
C VAL B 212 13.87 -0.69 -1.37
N THR B 213 13.08 -1.10 -0.39
N THR B 213 13.07 -1.08 -0.38
CA THR B 213 13.52 -1.23 0.99
CA THR B 213 13.52 -1.21 1.00
C THR B 213 12.78 -2.41 1.61
C THR B 213 12.77 -2.38 1.62
N LYS B 214 13.32 -2.91 2.71
CA LYS B 214 12.65 -3.89 3.56
C LYS B 214 11.70 -3.10 4.47
N THR B 215 10.37 -3.24 4.26
CA THR B 215 9.39 -2.39 4.93
C THR B 215 8.79 -3.03 6.19
N ASN B 216 8.97 -4.34 6.37
CA ASN B 216 8.36 -5.09 7.47
C ASN B 216 9.36 -6.06 8.05
N THR B 217 9.31 -6.20 9.36
CA THR B 217 10.22 -7.07 10.09
C THR B 217 10.18 -8.53 9.61
N THR B 218 9.00 -9.11 9.32
CA THR B 218 8.85 -10.58 9.19
C THR B 218 8.06 -11.10 7.99
N THR B 219 7.33 -10.23 7.30
CA THR B 219 6.41 -10.73 6.28
C THR B 219 7.11 -11.08 4.97
N THR B 220 6.50 -12.02 4.23
CA THR B 220 7.07 -12.47 2.97
C THR B 220 7.09 -11.35 1.94
N ASP B 221 6.13 -10.41 2.03
CA ASP B 221 5.92 -9.30 1.09
C ASP B 221 6.60 -8.00 1.52
N THR B 222 7.63 -8.07 2.30
CA THR B 222 8.29 -6.93 2.90
C THR B 222 9.00 -5.98 1.91
N PHE B 223 9.64 -6.51 0.84
CA PHE B 223 10.40 -5.64 -0.04
C PHE B 223 9.45 -4.93 -1.03
N LYS B 224 9.37 -3.63 -0.90
CA LYS B 224 8.42 -2.83 -1.68
C LYS B 224 8.96 -1.42 -1.88
N SER B 225 8.33 -0.66 -2.80
CA SER B 225 8.50 0.78 -2.93
C SER B 225 7.12 1.41 -3.10
N GLU B 226 6.64 2.09 -2.06
CA GLU B 226 5.32 2.69 -2.13
C GLU B 226 5.18 3.67 -3.29
N GLU B 227 6.22 4.47 -3.53
CA GLU B 227 6.10 5.54 -4.47
C GLU B 227 6.61 5.20 -5.87
N MET B 228 7.53 4.21 -6.00
CA MET B 228 8.10 3.88 -7.30
C MET B 228 7.72 2.49 -7.80
N GLY B 229 7.05 1.70 -6.96
CA GLY B 229 6.65 0.35 -7.34
C GLY B 229 7.84 -0.52 -7.75
N PHE B 230 7.54 -1.50 -8.60
CA PHE B 230 8.51 -2.50 -9.01
C PHE B 230 8.93 -2.23 -10.46
N VAL B 231 10.14 -2.66 -10.79
CA VAL B 231 10.56 -2.74 -12.18
C VAL B 231 9.68 -3.72 -12.94
N GLY B 232 9.31 -4.83 -12.33
CA GLY B 232 8.46 -5.80 -12.95
C GLY B 232 7.86 -6.75 -11.94
N THR B 233 7.01 -7.67 -12.44
CA THR B 233 6.45 -8.71 -11.61
C THR B 233 6.46 -10.02 -12.37
N ILE B 234 6.19 -11.10 -11.62
CA ILE B 234 6.22 -12.44 -12.22
C ILE B 234 4.84 -13.08 -11.94
N ALA B 235 4.26 -13.66 -12.98
CA ALA B 235 3.05 -14.48 -12.83
C ALA B 235 3.17 -15.56 -13.90
N ASP B 236 3.96 -16.58 -13.59
CA ASP B 236 4.46 -17.57 -14.54
C ASP B 236 5.51 -16.92 -15.45
N ASP B 237 5.14 -15.96 -16.27
CA ASP B 237 6.06 -15.20 -17.08
C ASP B 237 6.49 -13.93 -16.35
N ILE B 238 7.60 -13.34 -16.81
CA ILE B 238 8.06 -12.04 -16.35
C ILE B 238 7.35 -10.92 -17.10
N TYR B 239 6.85 -9.94 -16.35
CA TYR B 239 6.26 -8.72 -16.89
C TYR B 239 7.11 -7.54 -16.46
N PHE B 240 7.93 -6.98 -17.36
CA PHE B 240 8.73 -5.76 -17.08
C PHE B 240 7.83 -4.55 -17.33
N ASN B 241 7.77 -3.64 -16.35
CA ASN B 241 6.83 -2.51 -16.33
C ASN B 241 7.51 -1.13 -16.35
N ASN B 242 8.63 -0.98 -15.64
CA ASN B 242 9.29 0.30 -15.45
C ASN B 242 10.79 0.10 -15.68
N GLU B 243 11.42 1.16 -16.18
CA GLU B 243 12.88 1.36 -16.12
C GLU B 243 13.17 2.60 -15.30
N ILE B 244 14.11 2.50 -14.37
CA ILE B 244 14.39 3.62 -13.49
C ILE B 244 15.09 4.74 -14.26
N THR B 245 14.94 5.97 -13.74
CA THR B 245 15.59 7.13 -14.34
C THR B 245 16.96 7.49 -13.76
N ARG B 246 17.38 6.91 -12.68
CA ARG B 246 18.65 7.28 -12.06
C ARG B 246 19.78 6.54 -12.78
N LYS B 247 20.97 7.14 -12.71
CA LYS B 247 22.15 6.53 -13.29
C LYS B 247 22.56 5.34 -12.45
N HIS B 248 23.10 4.29 -13.10
CA HIS B 248 23.44 3.08 -12.38
C HIS B 248 24.50 2.29 -13.14
N THR B 249 25.01 1.27 -12.47
CA THR B 249 25.87 0.21 -12.98
C THR B 249 26.94 0.72 -13.92
N LYS B 250 26.88 0.33 -15.20
CA LYS B 250 27.97 0.64 -16.12
C LYS B 250 28.19 2.13 -16.31
N ASP B 251 27.19 2.98 -15.98
CA ASP B 251 27.24 4.40 -16.25
C ASP B 251 27.66 5.23 -15.05
N THR B 252 27.99 4.63 -13.90
CA THR B 252 28.34 5.48 -12.75
C THR B 252 29.81 5.94 -12.83
N ASP B 253 30.10 6.97 -12.04
CA ASP B 253 31.43 7.52 -11.87
C ASP B 253 32.23 6.78 -10.80
N PHE B 254 31.70 5.69 -10.21
CA PHE B 254 32.39 5.07 -9.10
C PHE B 254 33.08 3.80 -9.58
N SER B 255 34.23 3.52 -8.98
CA SER B 255 34.91 2.27 -9.21
C SER B 255 35.52 1.79 -7.91
N VAL B 256 35.41 0.52 -7.64
CA VAL B 256 36.09 0.09 -6.44
C VAL B 256 37.22 -0.85 -6.78
N SER B 257 37.63 -0.86 -8.05
CA SER B 257 38.70 -1.76 -8.47
C SER B 257 39.98 -1.59 -7.65
N ASN B 258 40.30 -0.35 -7.26
CA ASN B 258 41.57 -0.13 -6.60
C ASN B 258 41.41 0.22 -5.12
N LEU B 259 40.27 -0.12 -4.51
CA LEU B 259 40.03 0.29 -3.13
C LEU B 259 40.09 -0.91 -2.20
N ASP B 260 40.75 -0.75 -1.04
CA ASP B 260 40.78 -1.78 -0.02
C ASP B 260 39.94 -1.42 1.20
N GLU B 261 39.50 -0.16 1.27
CA GLU B 261 38.60 0.30 2.30
C GLU B 261 37.77 1.44 1.72
N LEU B 262 36.71 1.78 2.46
CA LEU B 262 35.79 2.85 2.11
C LEU B 262 35.83 3.90 3.21
N PRO B 263 35.57 5.19 2.87
CA PRO B 263 35.47 6.26 3.88
C PRO B 263 34.40 5.91 4.92
N GLN B 264 34.73 6.13 6.18
CA GLN B 264 33.81 5.80 7.26
C GLN B 264 32.60 6.74 7.19
N VAL B 265 31.40 6.16 7.20
CA VAL B 265 30.14 6.90 7.28
C VAL B 265 29.27 6.25 8.35
N ASP B 266 28.78 7.09 9.28
CA ASP B 266 27.91 6.64 10.34
C ASP B 266 26.54 7.30 10.22
N ILE B 267 25.54 6.74 10.93
CA ILE B 267 24.16 7.18 10.85
C ILE B 267 23.68 7.53 12.25
N ILE B 268 23.05 8.70 12.36
N ILE B 268 23.04 8.69 12.34
CA ILE B 268 22.50 9.19 13.62
CA ILE B 268 22.50 9.27 13.57
C ILE B 268 21.00 9.44 13.40
C ILE B 268 20.99 9.43 13.38
N TYR B 269 20.21 9.07 14.40
CA TYR B 269 18.76 9.13 14.31
C TYR B 269 18.22 10.40 14.99
N GLY B 270 17.17 10.97 14.37
CA GLY B 270 16.47 12.12 14.89
C GLY B 270 15.22 11.80 15.70
N TYR B 271 14.99 12.50 16.80
CA TYR B 271 13.88 12.24 17.70
C TYR B 271 13.75 13.41 18.67
N GLN B 272 12.59 13.55 19.30
CA GLN B 272 12.39 14.60 20.28
C GLN B 272 13.40 14.45 21.42
N ASN B 273 13.94 15.57 21.91
CA ASN B 273 14.81 15.58 23.07
C ASN B 273 16.15 14.89 22.74
N ASP B 274 16.51 14.84 21.46
CA ASP B 274 17.80 14.31 21.07
C ASP B 274 18.85 15.39 21.36
N GLY B 275 20.09 15.05 21.07
CA GLY B 275 21.21 15.91 21.44
C GLY B 275 22.23 16.03 20.31
N SER B 276 23.39 16.58 20.70
CA SER B 276 24.53 16.73 19.81
C SER B 276 25.62 15.70 20.11
N TYR B 277 25.51 15.00 21.24
CA TYR B 277 26.56 14.10 21.72
C TYR B 277 26.82 12.93 20.77
N LEU B 278 25.83 12.43 20.03
CA LEU B 278 26.08 11.32 19.14
C LEU B 278 26.83 11.81 17.90
N PHE B 279 26.53 13.00 17.40
CA PHE B 279 27.34 13.60 16.34
C PHE B 279 28.78 13.73 16.79
N ASP B 280 28.99 14.29 17.97
CA ASP B 280 30.35 14.51 18.44
C ASP B 280 31.06 13.17 18.52
N ALA B 281 30.40 12.12 18.99
CA ALA B 281 31.01 10.81 19.12
C ALA B 281 31.41 10.22 17.77
N ALA B 282 30.54 10.41 16.78
CA ALA B 282 30.80 9.91 15.43
C ALA B 282 32.03 10.58 14.85
N VAL B 283 32.14 11.90 15.03
CA VAL B 283 33.28 12.64 14.55
C VAL B 283 34.55 12.11 15.22
N LYS B 284 34.48 11.89 16.54
CA LYS B 284 35.65 11.46 17.31
C LYS B 284 36.09 10.05 16.86
N ALA B 285 35.11 9.21 16.49
CA ALA B 285 35.36 7.84 16.06
C ALA B 285 35.97 7.78 14.65
N GLY B 286 36.05 8.92 13.95
CA GLY B 286 36.70 9.00 12.65
C GLY B 286 35.73 9.06 11.46
N ALA B 287 34.44 9.37 11.71
CA ALA B 287 33.53 9.47 10.57
C ALA B 287 34.02 10.52 9.60
N LYS B 288 34.03 10.17 8.30
CA LYS B 288 34.24 11.12 7.23
C LYS B 288 32.94 11.69 6.69
N GLY B 289 31.85 10.95 6.90
CA GLY B 289 30.52 11.41 6.55
C GLY B 289 29.55 10.92 7.61
N ILE B 290 28.46 11.67 7.78
CA ILE B 290 27.38 11.30 8.68
C ILE B 290 26.06 11.49 7.94
N VAL B 291 25.22 10.45 7.97
CA VAL B 291 23.86 10.58 7.51
C VAL B 291 22.95 10.75 8.73
N PHE B 292 22.10 11.75 8.71
CA PHE B 292 21.15 12.00 9.79
C PHE B 292 19.75 11.55 9.33
N ALA B 293 19.14 10.63 10.07
CA ALA B 293 17.79 10.15 9.79
C ALA B 293 16.80 11.10 10.42
N GLY B 294 16.55 12.22 9.74
CA GLY B 294 15.76 13.29 10.33
C GLY B 294 14.27 13.00 10.34
N SER B 295 13.60 13.62 11.29
N SER B 295 13.58 13.59 11.30
CA SER B 295 12.14 13.66 11.33
CA SER B 295 12.12 13.54 11.27
C SER B 295 11.62 14.35 10.06
C SER B 295 11.62 14.31 10.06
N GLY B 296 10.50 13.86 9.50
CA GLY B 296 9.90 14.56 8.38
C GLY B 296 10.89 14.77 7.24
N ASN B 297 10.88 15.97 6.65
CA ASN B 297 11.67 16.29 5.48
C ASN B 297 13.11 16.67 5.91
N GLY B 298 13.80 15.68 6.49
CA GLY B 298 15.18 15.89 6.89
C GLY B 298 15.36 17.00 7.92
N SER B 299 14.42 17.13 8.85
CA SER B 299 14.48 18.21 9.83
C SER B 299 15.39 17.86 11.01
N LEU B 300 15.99 18.89 11.61
CA LEU B 300 16.89 18.74 12.75
C LEU B 300 16.36 19.59 13.91
N SER B 301 16.42 19.05 15.12
CA SER B 301 16.27 19.88 16.29
C SER B 301 17.41 20.91 16.37
N ASP B 302 17.27 21.88 17.25
CA ASP B 302 18.34 22.83 17.47
C ASP B 302 19.60 22.12 17.96
N ALA B 303 19.42 21.13 18.85
CA ALA B 303 20.56 20.37 19.36
C ALA B 303 21.22 19.55 18.27
N ALA B 304 20.44 18.87 17.45
CA ALA B 304 21.01 18.06 16.39
C ALA B 304 21.76 18.97 15.41
N GLU B 305 21.19 20.13 15.09
CA GLU B 305 21.79 21.07 14.15
C GLU B 305 23.11 21.60 14.67
N LYS B 306 23.22 21.79 16.00
CA LYS B 306 24.48 22.21 16.59
C LYS B 306 25.54 21.12 16.34
N GLY B 307 25.14 19.86 16.55
CA GLY B 307 26.06 18.74 16.32
C GLY B 307 26.47 18.64 14.85
N ALA B 308 25.49 18.79 13.95
CA ALA B 308 25.77 18.70 12.51
C ALA B 308 26.70 19.82 12.07
N ASP B 309 26.46 21.02 12.55
CA ASP B 309 27.27 22.17 12.16
C ASP B 309 28.71 21.98 12.63
N SER B 310 28.86 21.43 13.84
N SER B 310 28.88 21.46 13.86
CA SER B 310 30.18 21.20 14.41
CA SER B 310 30.20 21.18 14.42
C SER B 310 30.94 20.19 13.55
C SER B 310 30.94 20.21 13.51
N ALA B 311 30.22 19.16 13.09
CA ALA B 311 30.80 18.13 12.25
C ALA B 311 31.31 18.72 10.92
N VAL B 312 30.45 19.54 10.28
CA VAL B 312 30.81 20.16 9.02
C VAL B 312 32.07 21.02 9.20
N LYS B 313 32.15 21.76 10.32
CA LYS B 313 33.29 22.62 10.57
C LYS B 313 34.60 21.80 10.72
N LYS B 314 34.47 20.54 11.20
CA LYS B 314 35.59 19.63 11.37
C LYS B 314 35.85 18.79 10.12
N GLY B 315 35.20 19.11 8.99
CA GLY B 315 35.54 18.49 7.73
C GLY B 315 34.72 17.23 7.39
N VAL B 316 33.68 16.95 8.17
CA VAL B 316 32.82 15.80 7.92
C VAL B 316 31.71 16.24 6.99
N THR B 317 31.37 15.43 6.01
CA THR B 317 30.22 15.73 5.17
C THR B 317 28.95 15.21 5.86
N VAL B 318 27.90 16.04 5.93
CA VAL B 318 26.65 15.68 6.57
C VAL B 318 25.53 15.71 5.55
N VAL B 319 24.84 14.57 5.45
CA VAL B 319 23.67 14.44 4.58
C VAL B 319 22.45 14.18 5.43
N ARG B 320 21.40 15.00 5.19
CA ARG B 320 20.12 14.83 5.85
C ARG B 320 19.26 13.86 5.04
N SER B 321 18.99 12.70 5.60
CA SER B 321 17.98 11.74 5.14
C SER B 321 16.74 11.90 6.03
N THR B 322 15.87 10.89 5.97
CA THR B 322 14.59 10.89 6.71
C THR B 322 14.38 9.55 7.38
N ARG B 323 13.73 9.56 8.53
CA ARG B 323 13.34 8.32 9.25
C ARG B 323 11.92 7.88 8.80
N THR B 324 11.23 8.65 7.98
CA THR B 324 9.79 8.38 7.63
C THR B 324 9.61 7.11 6.82
N GLY B 325 10.51 6.81 5.90
CA GLY B 325 10.44 5.63 5.05
C GLY B 325 10.22 5.89 3.57
N ASN B 326 9.69 7.07 3.20
CA ASN B 326 9.32 7.34 1.83
C ASN B 326 9.43 8.84 1.58
N GLY B 327 9.43 9.20 0.30
CA GLY B 327 9.45 10.57 -0.14
C GLY B 327 10.83 11.11 -0.40
N VAL B 328 10.89 12.34 -0.87
N VAL B 328 10.87 12.38 -0.81
CA VAL B 328 12.18 13.00 -1.11
CA VAL B 328 12.10 13.09 -1.14
C VAL B 328 12.50 13.96 0.04
C VAL B 328 12.51 14.05 -0.02
N VAL B 329 13.76 13.94 0.44
CA VAL B 329 14.32 14.99 1.29
C VAL B 329 14.83 16.09 0.34
N THR B 330 14.22 17.26 0.44
CA THR B 330 14.44 18.35 -0.50
C THR B 330 15.54 19.29 -0.01
N PRO B 331 16.22 20.03 -0.90
CA PRO B 331 17.15 21.04 -0.42
C PRO B 331 16.29 22.12 0.25
N ASN B 332 16.85 22.72 1.25
CA ASN B 332 16.22 23.70 2.10
C ASN B 332 17.26 24.79 2.17
N GLN B 333 16.86 26.02 1.89
CA GLN B 333 17.81 27.11 1.78
C GLN B 333 18.67 27.24 3.03
N ASP B 334 18.04 27.16 4.21
CA ASP B 334 18.75 27.40 5.45
C ASP B 334 19.77 26.29 5.68
N TYR B 335 19.41 25.04 5.32
CA TYR B 335 20.31 23.92 5.51
C TYR B 335 21.37 23.91 4.41
N ALA B 336 20.96 24.21 3.17
CA ALA B 336 21.86 24.09 2.03
C ALA B 336 23.01 25.09 2.16
N GLU B 337 22.73 26.29 2.69
CA GLU B 337 23.78 27.32 2.77
C GLU B 337 24.83 26.94 3.82
N LYS B 338 24.53 25.96 4.69
CA LYS B 338 25.47 25.45 5.69
C LYS B 338 25.98 24.07 5.34
N ASP B 339 25.73 23.61 4.10
CA ASP B 339 26.22 22.34 3.58
C ASP B 339 25.65 21.17 4.38
N LEU B 340 24.40 21.29 4.87
CA LEU B 340 23.69 20.13 5.38
C LEU B 340 22.81 19.58 4.25
N LEU B 341 23.37 18.61 3.55
CA LEU B 341 22.90 18.21 2.23
C LEU B 341 21.57 17.44 2.31
N ALA B 342 20.93 17.28 1.17
CA ALA B 342 19.66 16.58 1.08
C ALA B 342 19.83 15.20 0.44
N SER B 343 19.19 14.18 1.03
CA SER B 343 19.35 12.81 0.53
C SER B 343 18.44 12.40 -0.62
N ASN B 344 17.59 13.30 -1.11
CA ASN B 344 16.71 12.93 -2.24
C ASN B 344 15.80 11.80 -1.73
N SER B 345 15.50 10.79 -2.54
CA SER B 345 14.67 9.69 -2.12
C SER B 345 15.45 8.50 -1.60
N LEU B 346 16.66 8.73 -1.10
CA LEU B 346 17.43 7.70 -0.41
C LEU B 346 17.21 7.71 1.09
N ASN B 347 16.83 6.54 1.64
CA ASN B 347 16.73 6.33 3.08
C ASN B 347 18.11 6.32 3.73
N PRO B 348 18.19 6.28 5.08
CA PRO B 348 19.48 6.58 5.69
C PRO B 348 20.59 5.61 5.31
N GLN B 349 20.27 4.31 5.33
CA GLN B 349 21.25 3.27 5.07
C GLN B 349 21.66 3.24 3.59
N LYS B 350 20.75 3.57 2.67
CA LYS B 350 21.11 3.62 1.26
C LYS B 350 21.91 4.92 0.98
N ALA B 351 21.51 6.04 1.61
CA ALA B 351 22.27 7.27 1.50
C ALA B 351 23.70 7.06 1.97
N ARG B 352 23.90 6.26 3.04
CA ARG B 352 25.26 5.96 3.48
C ARG B 352 26.10 5.37 2.36
N MET B 353 25.54 4.42 1.62
CA MET B 353 26.31 3.76 0.53
C MET B 353 26.76 4.82 -0.51
N LEU B 354 25.87 5.68 -0.94
CA LEU B 354 26.23 6.69 -1.92
C LEU B 354 27.23 7.69 -1.31
N LEU B 355 27.07 8.04 -0.04
CA LEU B 355 27.98 9.01 0.56
C LEU B 355 29.40 8.41 0.63
N MET B 356 29.52 7.17 1.04
CA MET B 356 30.86 6.53 1.06
C MET B 356 31.51 6.62 -0.31
N LEU B 357 30.76 6.26 -1.35
CA LEU B 357 31.30 6.26 -2.69
C LEU B 357 31.62 7.69 -3.16
N ALA B 358 30.75 8.62 -2.86
CA ALA B 358 31.01 10.03 -3.18
C ALA B 358 32.34 10.47 -2.60
N LEU B 359 32.61 10.10 -1.35
CA LEU B 359 33.81 10.55 -0.65
C LEU B 359 35.08 9.93 -1.20
N THR B 360 34.96 8.87 -2.03
CA THR B 360 36.11 8.33 -2.75
C THR B 360 36.52 9.21 -3.93
N LYS B 361 35.61 10.11 -4.36
CA LYS B 361 35.81 10.99 -5.52
C LYS B 361 36.08 12.43 -5.11
N THR B 362 35.42 12.92 -4.07
CA THR B 362 35.44 14.35 -3.74
C THR B 362 35.04 14.67 -2.33
N ASN B 363 35.45 15.82 -1.83
CA ASN B 363 34.94 16.37 -0.59
C ASN B 363 34.08 17.61 -0.83
N ASP B 364 33.78 17.94 -2.09
CA ASP B 364 33.09 19.17 -2.43
C ASP B 364 31.62 18.98 -2.19
N PRO B 365 30.97 19.75 -1.30
CA PRO B 365 29.57 19.49 -0.97
C PRO B 365 28.62 19.70 -2.14
N GLN B 366 28.94 20.61 -3.07
CA GLN B 366 28.07 20.82 -4.22
C GLN B 366 28.13 19.58 -5.15
N LYS B 367 29.32 18.97 -5.30
CA LYS B 367 29.48 17.80 -6.15
C LYS B 367 28.81 16.59 -5.52
N ILE B 368 28.87 16.51 -4.18
CA ILE B 368 28.21 15.40 -3.49
C ILE B 368 26.69 15.56 -3.60
N GLN B 369 26.19 16.77 -3.44
CA GLN B 369 24.76 16.98 -3.58
C GLN B 369 24.29 16.59 -4.97
N ALA B 370 25.10 16.93 -5.98
CA ALA B 370 24.75 16.58 -7.36
C ALA B 370 24.68 15.07 -7.55
N TYR B 371 25.60 14.32 -6.92
CA TYR B 371 25.49 12.86 -6.95
C TYR B 371 24.16 12.37 -6.35
N PHE B 372 23.75 12.96 -5.24
CA PHE B 372 22.50 12.58 -4.58
C PHE B 372 21.28 12.86 -5.45
N ASN B 373 21.40 13.72 -6.47
CA ASN B 373 20.28 13.95 -7.37
C ASN B 373 20.31 13.08 -8.61
N GLU B 374 21.43 12.40 -8.90
CA GLU B 374 21.50 11.60 -10.12
C GLU B 374 21.55 10.09 -9.91
N TYR B 375 22.00 9.63 -8.73
CA TYR B 375 22.21 8.22 -8.45
C TYR B 375 21.13 7.57 -7.58
N ASP C 49 -27.17 21.81 22.24
CA ASP C 49 -26.09 22.76 21.86
C ASP C 49 -24.83 21.95 21.53
N LEU C 50 -23.86 22.68 21.01
CA LEU C 50 -22.73 22.06 20.37
C LEU C 50 -21.67 21.66 21.41
N PRO C 51 -20.80 20.71 21.09
CA PRO C 51 -19.66 20.36 21.95
C PRO C 51 -18.69 21.52 22.14
N ASN C 52 -18.15 21.61 23.35
CA ASN C 52 -17.16 22.61 23.68
C ASN C 52 -15.77 22.01 23.46
N ILE C 53 -15.10 22.52 22.42
CA ILE C 53 -13.81 21.98 22.02
C ILE C 53 -12.74 23.04 22.26
N ARG C 54 -11.65 22.63 22.93
CA ARG C 54 -10.54 23.55 23.18
C ARG C 54 -9.37 23.15 22.28
N ILE C 55 -8.82 24.13 21.56
CA ILE C 55 -7.63 23.94 20.74
C ILE C 55 -6.41 24.38 21.53
N LEU C 56 -5.44 23.46 21.70
CA LEU C 56 -4.15 23.79 22.33
C LEU C 56 -3.10 23.79 21.23
N ALA C 57 -2.53 24.97 20.97
CA ALA C 57 -1.58 25.14 19.88
C ALA C 57 -0.15 25.03 20.39
N THR C 58 0.71 24.33 19.64
CA THR C 58 2.09 24.11 20.05
C THR C 58 3.09 24.72 19.07
N GLY C 59 2.56 25.27 17.98
CA GLY C 59 3.34 25.89 16.92
C GLY C 59 2.58 27.07 16.25
N GLY C 60 3.01 27.35 15.01
CA GLY C 60 2.41 28.34 14.15
C GLY C 60 1.03 27.86 13.68
N THR C 61 0.35 28.68 12.88
CA THR C 61 -1.01 28.40 12.47
C THR C 61 -0.96 27.33 11.38
N ILE C 62 -1.97 26.46 11.35
CA ILE C 62 -2.12 25.52 10.25
C ILE C 62 -3.21 26.04 9.31
N ALA C 63 -3.98 27.07 9.70
CA ALA C 63 -5.02 27.67 8.85
C ALA C 63 -5.01 29.19 8.98
N GLY C 64 -5.25 29.90 7.86
CA GLY C 64 -5.37 31.36 7.84
C GLY C 64 -4.06 32.11 8.06
N GLY C 81 -1.07 33.54 16.38
CA GLY C 81 -2.20 33.61 17.35
C GLY C 81 -3.18 32.44 17.16
N VAL C 82 -3.77 31.97 18.26
CA VAL C 82 -4.72 30.87 18.18
C VAL C 82 -6.08 31.41 17.75
N GLU C 83 -6.33 32.71 17.96
CA GLU C 83 -7.54 33.36 17.46
C GLU C 83 -7.56 33.38 15.92
N SER C 84 -6.40 33.50 15.29
CA SER C 84 -6.30 33.51 13.83
C SER C 84 -6.74 32.18 13.24
N LEU C 85 -6.30 31.08 13.88
CA LEU C 85 -6.68 29.72 13.44
C LEU C 85 -8.20 29.57 13.43
N ILE C 86 -8.86 30.04 14.49
CA ILE C 86 -10.29 29.86 14.64
C ILE C 86 -11.02 30.68 13.57
N GLU C 87 -10.58 31.93 13.32
CA GLU C 87 -11.20 32.83 12.36
C GLU C 87 -11.00 32.37 10.92
N ALA C 88 -9.92 31.63 10.67
CA ALA C 88 -9.61 31.10 9.36
C ALA C 88 -10.57 30.00 8.90
N VAL C 89 -11.25 29.35 9.85
CA VAL C 89 -12.15 28.25 9.53
C VAL C 89 -13.49 28.48 10.22
N PRO C 90 -14.26 29.49 9.76
CA PRO C 90 -15.55 29.81 10.39
C PRO C 90 -16.59 28.70 10.39
N GLU C 91 -16.47 27.76 9.45
CA GLU C 91 -17.35 26.60 9.36
C GLU C 91 -17.37 25.82 10.68
N MET C 92 -16.29 25.91 11.45
CA MET C 92 -16.20 25.16 12.71
C MET C 92 -17.33 25.57 13.66
N LYS C 93 -17.83 26.79 13.52
CA LYS C 93 -18.82 27.31 14.45
C LYS C 93 -20.13 26.54 14.34
N ASP C 94 -20.36 25.86 13.23
CA ASP C 94 -21.58 25.09 13.04
C ASP C 94 -21.51 23.73 13.72
N ILE C 95 -20.32 23.23 14.09
CA ILE C 95 -20.18 21.91 14.68
C ILE C 95 -19.58 21.92 16.09
N ALA C 96 -19.07 23.08 16.56
CA ALA C 96 -18.53 23.15 17.91
C ALA C 96 -18.52 24.60 18.40
N ASN C 97 -18.44 24.75 19.73
CA ASN C 97 -18.07 25.99 20.40
C ASN C 97 -16.56 25.87 20.64
N VAL C 98 -15.78 26.61 19.84
CA VAL C 98 -14.34 26.46 19.84
C VAL C 98 -13.71 27.59 20.65
N SER C 99 -12.74 27.23 21.49
CA SER C 99 -11.89 28.19 22.17
C SER C 99 -10.47 27.68 22.07
N GLY C 100 -9.50 28.48 22.49
CA GLY C 100 -8.14 28.04 22.28
C GLY C 100 -7.12 28.75 23.15
N GLU C 101 -5.95 28.12 23.17
CA GLU C 101 -4.83 28.65 23.91
C GLU C 101 -3.54 28.20 23.25
N GLN C 102 -2.51 29.04 23.40
CA GLN C 102 -1.17 28.75 22.93
C GLN C 102 -0.38 28.17 24.11
N ILE C 103 -0.06 26.89 24.07
CA ILE C 103 0.73 26.20 25.09
C ILE C 103 2.18 26.62 24.93
N VAL C 104 2.72 26.39 23.74
CA VAL C 104 4.11 26.69 23.41
C VAL C 104 4.08 27.08 21.94
N ASN C 105 5.22 27.54 21.42
CA ASN C 105 5.27 27.90 20.02
C ASN C 105 6.62 27.51 19.44
N VAL C 106 6.69 26.26 18.94
CA VAL C 106 7.94 25.73 18.44
C VAL C 106 7.70 24.86 17.21
N GLY C 107 8.74 24.73 16.38
CA GLY C 107 8.83 23.66 15.41
C GLY C 107 8.85 22.32 16.14
N SER C 108 8.28 21.29 15.53
CA SER C 108 8.04 20.08 16.28
C SER C 108 9.31 19.30 16.61
N THR C 109 10.40 19.52 15.87
CA THR C 109 11.65 18.90 16.27
C THR C 109 12.18 19.46 17.61
N ASN C 110 11.63 20.58 18.05
CA ASN C 110 12.00 21.20 19.31
C ASN C 110 10.98 20.97 20.43
N ILE C 111 9.99 20.09 20.21
CA ILE C 111 9.16 19.61 21.30
C ILE C 111 10.03 18.65 22.10
N ASP C 112 10.00 18.79 23.41
CA ASP C 112 10.88 18.02 24.28
C ASP C 112 10.10 17.52 25.49
N ASN C 113 10.78 16.76 26.37
CA ASN C 113 10.09 16.13 27.50
C ASN C 113 9.45 17.18 28.41
N LYS C 114 10.12 18.32 28.63
CA LYS C 114 9.56 19.36 29.45
C LYS C 114 8.19 19.84 28.91
N ILE C 115 8.13 20.06 27.60
CA ILE C 115 6.91 20.49 26.94
C ILE C 115 5.85 19.39 27.02
N LEU C 116 6.20 18.12 26.76
CA LEU C 116 5.25 17.03 26.89
C LEU C 116 4.62 16.94 28.27
N LEU C 117 5.42 17.10 29.33
CA LEU C 117 4.88 17.08 30.68
C LEU C 117 3.87 18.22 30.87
N LYS C 118 4.25 19.44 30.45
CA LYS C 118 3.36 20.58 30.54
C LYS C 118 2.04 20.29 29.81
N LEU C 119 2.13 19.77 28.57
CA LEU C 119 0.96 19.52 27.73
C LEU C 119 0.04 18.44 28.33
N ALA C 120 0.58 17.31 28.77
CA ALA C 120 -0.19 16.25 29.39
C ALA C 120 -0.88 16.73 30.67
N LYS C 121 -0.18 17.51 31.50
CA LYS C 121 -0.80 18.02 32.71
C LYS C 121 -1.96 18.96 32.38
N ARG C 122 -1.77 19.85 31.40
CA ARG C 122 -2.81 20.79 31.04
C ARG C 122 -4.01 20.04 30.49
N ILE C 123 -3.78 19.09 29.59
CA ILE C 123 -4.88 18.31 29.04
C ILE C 123 -5.65 17.57 30.13
N ASN C 124 -4.94 16.88 31.03
CA ASN C 124 -5.61 16.19 32.12
C ASN C 124 -6.46 17.12 33.00
N HIS C 125 -5.95 18.34 33.24
CA HIS C 125 -6.73 19.30 34.02
C HIS C 125 -7.99 19.72 33.27
N LEU C 126 -7.85 20.06 31.98
CA LEU C 126 -8.98 20.53 31.20
C LEU C 126 -10.03 19.43 31.05
N LEU C 127 -9.61 18.21 30.74
CA LEU C 127 -10.61 17.17 30.50
C LEU C 127 -11.40 16.81 31.77
N ALA C 128 -10.86 17.17 32.95
CA ALA C 128 -11.58 16.88 34.20
C ALA C 128 -12.77 17.83 34.38
N SER C 129 -12.81 18.94 33.62
CA SER C 129 -13.92 19.86 33.77
C SER C 129 -15.08 19.51 32.84
N ASP C 130 -16.27 19.90 33.25
CA ASP C 130 -17.49 19.64 32.49
C ASP C 130 -17.62 20.63 31.35
N ASP C 131 -16.82 21.70 31.36
CA ASP C 131 -16.90 22.72 30.34
C ASP C 131 -16.06 22.38 29.10
N VAL C 132 -15.35 21.25 29.13
CA VAL C 132 -14.55 20.81 27.98
C VAL C 132 -14.99 19.40 27.57
N ASP C 133 -15.45 19.26 26.32
CA ASP C 133 -15.93 17.98 25.80
C ASP C 133 -14.83 17.22 25.08
N GLY C 134 -13.84 17.93 24.55
CA GLY C 134 -12.76 17.34 23.78
C GLY C 134 -11.73 18.41 23.44
N ILE C 135 -10.53 17.92 23.09
CA ILE C 135 -9.38 18.76 22.82
C ILE C 135 -8.77 18.42 21.45
N VAL C 136 -8.39 19.49 20.73
CA VAL C 136 -7.56 19.39 19.53
C VAL C 136 -6.22 20.05 19.83
N VAL C 137 -5.13 19.32 19.55
CA VAL C 137 -3.78 19.84 19.66
C VAL C 137 -3.22 20.09 18.26
N THR C 138 -2.85 21.34 17.94
CA THR C 138 -2.21 21.61 16.67
C THR C 138 -0.70 21.53 16.86
N HIS C 139 -0.04 20.86 15.92
CA HIS C 139 1.35 20.44 16.12
C HIS C 139 2.03 20.29 14.78
N GLY C 140 3.36 20.55 14.75
CA GLY C 140 4.12 20.27 13.56
C GLY C 140 4.10 18.78 13.25
N THR C 141 4.15 18.43 11.98
CA THR C 141 4.03 17.03 11.59
C THR C 141 5.27 16.18 11.88
N ASP C 142 6.47 16.78 11.92
CA ASP C 142 7.67 15.96 11.96
C ASP C 142 7.67 15.00 13.15
N THR C 143 7.30 15.46 14.34
CA THR C 143 7.36 14.62 15.52
C THR C 143 5.97 14.45 16.14
N LEU C 144 4.91 14.76 15.38
CA LEU C 144 3.53 14.60 15.82
C LEU C 144 3.27 13.23 16.43
N GLU C 145 3.78 12.18 15.80
CA GLU C 145 3.48 10.82 16.26
C GLU C 145 4.09 10.55 17.64
N GLU C 146 5.21 11.22 18.01
CA GLU C 146 5.82 11.07 19.32
C GLU C 146 4.90 11.67 20.39
N THR C 147 4.49 12.92 20.17
CA THR C 147 3.58 13.56 21.09
C THR C 147 2.26 12.79 21.19
N ALA C 148 1.70 12.40 20.05
CA ALA C 148 0.38 11.73 20.06
C ALA C 148 0.43 10.45 20.90
N TYR C 149 1.49 9.65 20.71
CA TYR C 149 1.60 8.40 21.45
C TYR C 149 1.87 8.64 22.93
N PHE C 150 2.70 9.65 23.25
CA PHE C 150 2.89 10.01 24.64
C PHE C 150 1.56 10.33 25.31
N LEU C 151 0.75 11.16 24.66
CA LEU C 151 -0.56 11.52 25.20
C LEU C 151 -1.50 10.31 25.30
N ASN C 152 -1.41 9.37 24.37
CA ASN C 152 -2.17 8.13 24.43
C ASN C 152 -1.86 7.32 25.68
N LEU C 153 -0.68 7.50 26.26
CA LEU C 153 -0.28 6.73 27.44
C LEU C 153 -0.50 7.50 28.72
N THR C 154 -0.75 8.82 28.65
CA THR C 154 -0.73 9.65 29.85
C THR C 154 -2.01 10.45 30.11
N VAL C 155 -2.90 10.56 29.12
CA VAL C 155 -4.14 11.28 29.31
C VAL C 155 -5.15 10.32 29.94
N LYS C 156 -5.58 10.64 31.16
CA LYS C 156 -6.35 9.71 31.96
C LYS C 156 -7.83 10.08 31.87
N SER C 157 -8.37 9.96 30.69
CA SER C 157 -9.75 10.33 30.38
C SER C 157 -10.17 9.56 29.15
N ASP C 158 -11.48 9.34 28.99
CA ASP C 158 -11.99 8.79 27.75
C ASP C 158 -12.43 9.89 26.79
N LYS C 159 -12.36 11.16 27.19
CA LYS C 159 -12.78 12.21 26.28
C LYS C 159 -11.81 12.34 25.12
N PRO C 160 -12.27 12.76 23.92
CA PRO C 160 -11.36 12.77 22.79
C PRO C 160 -10.26 13.82 22.87
N VAL C 161 -9.07 13.37 22.46
CA VAL C 161 -7.92 14.21 22.21
C VAL C 161 -7.46 13.88 20.79
N VAL C 162 -7.45 14.91 19.93
CA VAL C 162 -7.14 14.76 18.52
C VAL C 162 -5.94 15.65 18.21
N ILE C 163 -4.89 15.04 17.62
CA ILE C 163 -3.70 15.78 17.22
C ILE C 163 -3.81 16.00 15.71
N VAL C 164 -3.48 17.21 15.27
CA VAL C 164 -3.64 17.62 13.88
C VAL C 164 -2.47 18.51 13.49
N GLY C 165 -2.13 18.43 12.20
CA GLY C 165 -1.15 19.33 11.59
C GLY C 165 -1.48 19.51 10.12
N SER C 166 -0.55 20.18 9.42
CA SER C 166 -0.68 20.33 7.99
C SER C 166 0.66 20.07 7.33
N MET C 167 0.60 19.53 6.13
CA MET C 167 1.81 19.25 5.35
C MET C 167 2.17 20.42 4.43
N ARG C 168 1.21 21.31 4.17
CA ARG C 168 1.48 22.50 3.39
C ARG C 168 1.33 23.70 4.28
N PRO C 169 2.12 24.76 4.07
CA PRO C 169 1.90 25.97 4.85
C PRO C 169 0.57 26.63 4.58
N SER C 170 0.09 27.37 5.58
CA SER C 170 -1.26 27.89 5.54
C SER C 170 -1.43 28.84 4.35
N THR C 171 -0.31 29.40 3.87
CA THR C 171 -0.29 30.33 2.76
C THR C 171 -0.17 29.69 1.37
N ALA C 172 0.04 28.35 1.34
CA ALA C 172 0.34 27.67 0.08
C ALA C 172 -0.95 27.44 -0.69
N ILE C 173 -0.79 27.22 -1.98
CA ILE C 173 -1.88 26.77 -2.82
C ILE C 173 -2.42 25.46 -2.27
N SER C 174 -3.75 25.35 -2.19
CA SER C 174 -4.42 24.17 -1.70
C SER C 174 -3.89 23.74 -0.33
N ALA C 175 -3.67 24.69 0.57
CA ALA C 175 -3.28 24.39 1.95
C ALA C 175 -4.26 23.38 2.54
N ASP C 176 -3.74 22.37 3.21
CA ASP C 176 -4.52 21.26 3.77
C ASP C 176 -4.97 21.52 5.20
N GLY C 177 -4.38 22.51 5.87
CA GLY C 177 -4.67 22.78 7.27
C GLY C 177 -6.12 23.09 7.57
N PRO C 178 -6.83 23.94 6.79
CA PRO C 178 -8.22 24.24 7.11
C PRO C 178 -9.12 23.00 7.19
N SER C 179 -9.07 22.12 6.19
CA SER C 179 -9.83 20.87 6.24
C SER C 179 -9.40 19.99 7.41
N ASN C 180 -8.08 19.90 7.59
CA ASN C 180 -7.57 19.04 8.66
C ASN C 180 -8.11 19.54 10.01
N LEU C 181 -8.04 20.86 10.25
CA LEU C 181 -8.53 21.43 11.51
C LEU C 181 -10.04 21.24 11.68
N TYR C 182 -10.81 21.52 10.64
CA TYR C 182 -12.24 21.30 10.68
C TYR C 182 -12.55 19.85 11.07
N ASN C 183 -11.90 18.90 10.37
CA ASN C 183 -12.12 17.47 10.65
C ASN C 183 -11.69 17.10 12.07
N ALA C 184 -10.59 17.69 12.57
CA ALA C 184 -10.14 17.37 13.91
C ALA C 184 -11.15 17.81 14.96
N VAL C 185 -11.74 19.00 14.76
CA VAL C 185 -12.78 19.51 15.65
C VAL C 185 -14.04 18.64 15.54
N LYS C 186 -14.40 18.21 14.32
CA LYS C 186 -15.56 17.33 14.11
C LYS C 186 -15.34 16.03 14.88
N VAL C 187 -14.13 15.43 14.79
CA VAL C 187 -13.87 14.20 15.51
C VAL C 187 -13.85 14.39 17.01
N ALA C 188 -13.22 15.48 17.47
CA ALA C 188 -13.10 15.73 18.91
C ALA C 188 -14.48 15.87 19.56
N GLY C 189 -15.46 16.39 18.79
CA GLY C 189 -16.84 16.58 19.25
C GLY C 189 -17.78 15.42 18.98
N ALA C 190 -17.32 14.36 18.31
CA ALA C 190 -18.18 13.24 17.98
C ALA C 190 -18.39 12.35 19.20
N PRO C 191 -19.62 12.05 19.66
CA PRO C 191 -19.78 11.13 20.80
C PRO C 191 -19.08 9.78 20.62
N GLU C 192 -19.04 9.22 19.41
CA GLU C 192 -18.43 7.91 19.21
C GLU C 192 -16.92 7.96 19.23
N ALA C 193 -16.29 9.15 19.31
CA ALA C 193 -14.85 9.22 19.50
C ALA C 193 -14.43 8.93 20.95
N LYS C 194 -15.38 8.92 21.90
CA LYS C 194 -15.12 8.59 23.29
C LYS C 194 -14.52 7.19 23.40
N GLY C 195 -13.44 7.08 24.15
CA GLY C 195 -12.86 5.79 24.47
C GLY C 195 -12.01 5.18 23.35
N LYS C 196 -11.70 5.95 22.30
CA LYS C 196 -10.97 5.42 21.16
C LYS C 196 -9.45 5.51 21.32
N GLY C 197 -8.95 6.15 22.40
CA GLY C 197 -7.55 6.48 22.48
C GLY C 197 -7.25 7.78 21.75
N THR C 198 -6.02 8.27 21.89
CA THR C 198 -5.65 9.52 21.22
C THR C 198 -5.66 9.30 19.72
N LEU C 199 -6.18 10.28 18.96
CA LEU C 199 -6.36 10.17 17.51
C LEU C 199 -5.53 11.22 16.81
N VAL C 200 -5.14 10.86 15.59
CA VAL C 200 -4.40 11.74 14.70
C VAL C 200 -5.24 11.91 13.43
N VAL C 201 -5.60 13.15 13.11
CA VAL C 201 -6.53 13.42 12.04
C VAL C 201 -5.92 14.33 11.00
N LEU C 202 -5.61 13.78 9.83
CA LEU C 202 -5.17 14.55 8.66
C LEU C 202 -5.76 13.88 7.43
N ASN C 203 -6.05 14.68 6.39
CA ASN C 203 -6.41 14.16 5.07
C ASN C 203 -7.59 13.18 5.13
N ASP C 204 -8.65 13.55 5.85
CA ASP C 204 -9.89 12.82 5.91
C ASP C 204 -9.76 11.47 6.62
N ARG C 205 -8.63 11.24 7.31
CA ARG C 205 -8.37 9.97 7.97
C ARG C 205 -8.28 10.15 9.49
N ILE C 206 -8.75 9.15 10.24
CA ILE C 206 -8.70 9.15 11.70
C ILE C 206 -7.85 7.97 12.13
N ALA C 207 -6.62 8.26 12.54
CA ALA C 207 -5.67 7.22 12.89
C ALA C 207 -5.48 7.11 14.40
N SER C 208 -5.28 5.89 14.91
N SER C 208 -5.25 5.89 14.89
CA SER C 208 -4.85 5.74 16.30
CA SER C 208 -4.83 5.73 16.26
C SER C 208 -3.39 6.22 16.46
C SER C 208 -3.39 6.23 16.46
N ALA C 209 -3.15 6.90 17.58
CA ALA C 209 -1.78 7.24 17.94
C ALA C 209 -0.90 6.00 18.09
N ARG C 210 -1.49 4.88 18.54
CA ARG C 210 -0.69 3.66 18.74
C ARG C 210 -0.17 3.09 17.41
N TYR C 211 -0.90 3.21 16.29
CA TYR C 211 -0.51 2.55 15.07
C TYR C 211 0.01 3.53 14.00
N VAL C 212 -0.28 4.82 14.06
CA VAL C 212 0.10 5.69 12.95
C VAL C 212 1.58 6.08 13.01
N THR C 213 2.12 6.43 11.83
N THR C 213 2.14 6.41 11.83
CA THR C 213 3.40 7.11 11.69
CA THR C 213 3.42 7.09 11.71
C THR C 213 3.36 8.03 10.49
C THR C 213 3.37 8.01 10.49
N LYS C 214 4.30 8.99 10.47
CA LYS C 214 4.51 9.83 9.30
C LYS C 214 5.39 9.02 8.33
N THR C 215 4.83 8.62 7.17
CA THR C 215 5.49 7.68 6.29
C THR C 215 6.19 8.35 5.12
N ASN C 216 5.95 9.64 4.90
CA ASN C 216 6.48 10.36 3.75
C ASN C 216 6.91 11.75 4.19
N THR C 217 8.05 12.21 3.66
CA THR C 217 8.59 13.52 3.98
C THR C 217 7.65 14.72 3.73
N THR C 218 6.87 14.72 2.63
CA THR C 218 6.19 15.93 2.18
C THR C 218 4.74 15.79 1.74
N THR C 219 4.24 14.55 1.52
CA THR C 219 2.93 14.40 0.90
C THR C 219 1.80 14.62 1.91
N THR C 220 0.64 15.07 1.41
CA THR C 220 -0.51 15.31 2.27
C THR C 220 -1.03 14.03 2.92
N ASP C 221 -0.87 12.88 2.25
CA ASP C 221 -1.31 11.57 2.71
C ASP C 221 -0.29 10.74 3.51
N THR C 222 0.59 11.39 4.20
CA THR C 222 1.73 10.79 4.86
C THR C 222 1.39 9.95 6.09
N PHE C 223 0.38 10.35 6.89
CA PHE C 223 0.10 9.64 8.13
C PHE C 223 -0.76 8.42 7.81
N LYS C 224 -0.22 7.24 8.04
CA LYS C 224 -0.86 5.99 7.67
C LYS C 224 -0.39 4.86 8.58
N SER C 225 -1.10 3.72 8.49
CA SER C 225 -0.65 2.46 9.05
C SER C 225 -0.92 1.36 8.02
N GLU C 226 0.13 0.80 7.42
CA GLU C 226 -0.06 -0.23 6.40
C GLU C 226 -0.79 -1.43 6.98
N GLU C 227 -0.45 -1.84 8.20
CA GLU C 227 -0.92 -3.10 8.75
C GLU C 227 -2.18 -2.97 9.59
N MET C 228 -2.40 -1.80 10.19
CA MET C 228 -3.54 -1.62 11.08
C MET C 228 -4.58 -0.66 10.55
N GLY C 229 -4.27 0.05 9.45
CA GLY C 229 -5.24 0.98 8.91
C GLY C 229 -5.62 2.08 9.86
N PHE C 230 -6.79 2.65 9.59
CA PHE C 230 -7.31 3.77 10.36
C PHE C 230 -8.40 3.33 11.34
N VAL C 231 -8.53 4.06 12.43
CA VAL C 231 -9.72 3.94 13.27
C VAL C 231 -11.00 4.32 12.52
N GLY C 232 -10.91 5.30 11.63
CA GLY C 232 -12.05 5.64 10.81
C GLY C 232 -11.64 6.58 9.71
N THR C 233 -12.62 6.97 8.90
CA THR C 233 -12.39 7.88 7.79
C THR C 233 -13.54 8.86 7.74
N ILE C 234 -13.35 9.95 6.99
CA ILE C 234 -14.38 10.97 6.86
C ILE C 234 -14.69 11.17 5.38
N ALA C 235 -15.99 11.14 5.07
CA ALA C 235 -16.48 11.41 3.74
C ALA C 235 -17.82 12.11 3.96
N ASP C 236 -17.73 13.41 4.27
CA ASP C 236 -18.81 14.22 4.84
C ASP C 236 -19.05 13.83 6.29
N ASP C 237 -19.59 12.63 6.49
CA ASP C 237 -19.80 12.10 7.81
C ASP C 237 -18.57 11.27 8.23
N ILE C 238 -18.46 11.05 9.56
CA ILE C 238 -17.43 10.19 10.12
C ILE C 238 -17.89 8.73 10.02
N TYR C 239 -17.00 7.87 9.55
CA TYR C 239 -17.20 6.43 9.53
C TYR C 239 -16.14 5.78 10.43
N PHE C 240 -16.55 5.38 11.62
CA PHE C 240 -15.66 4.63 12.49
C PHE C 240 -15.67 3.17 12.10
N ASN C 241 -14.47 2.59 11.98
CA ASN C 241 -14.29 1.25 11.44
C ASN C 241 -13.63 0.27 12.40
N ASN C 242 -12.67 0.74 13.22
CA ASN C 242 -11.88 -0.12 14.09
C ASN C 242 -11.81 0.51 15.48
N GLU C 243 -11.72 -0.36 16.50
CA GLU C 243 -11.27 -0.01 17.86
C GLU C 243 -9.99 -0.77 18.13
N ILE C 244 -8.96 -0.08 18.62
CA ILE C 244 -7.69 -0.73 18.85
C ILE C 244 -7.79 -1.65 20.07
N THR C 245 -6.94 -2.67 20.12
CA THR C 245 -6.90 -3.64 21.21
C THR C 245 -5.90 -3.31 22.33
N ARG C 246 -5.02 -2.34 22.15
CA ARG C 246 -3.99 -2.06 23.14
C ARG C 246 -4.63 -1.22 24.23
N LYS C 247 -3.98 -1.25 25.41
CA LYS C 247 -4.41 -0.46 26.53
C LYS C 247 -3.99 0.98 26.31
N HIS C 248 -4.86 1.94 26.69
CA HIS C 248 -4.59 3.34 26.47
C HIS C 248 -5.34 4.25 27.45
N THR C 249 -4.92 5.52 27.42
CA THR C 249 -5.58 6.66 28.06
C THR C 249 -6.08 6.29 29.46
N LYS C 250 -7.43 6.26 29.64
CA LYS C 250 -8.08 6.12 30.93
C LYS C 250 -7.53 4.91 31.70
N ASP C 251 -7.13 3.85 30.98
CA ASP C 251 -6.77 2.60 31.63
C ASP C 251 -5.27 2.42 31.87
N THR C 252 -4.40 3.37 31.52
CA THR C 252 -2.95 3.06 31.66
C THR C 252 -2.51 3.16 33.12
N ASP C 253 -1.34 2.65 33.39
CA ASP C 253 -0.79 2.71 34.72
C ASP C 253 0.17 3.88 34.86
N PHE C 254 0.28 4.75 33.83
CA PHE C 254 1.28 5.81 33.89
C PHE C 254 0.62 7.10 34.36
N SER C 255 1.31 7.83 35.21
CA SER C 255 0.92 9.16 35.61
C SER C 255 2.13 10.07 35.53
N VAL C 256 1.96 11.26 34.99
CA VAL C 256 3.08 12.17 35.00
C VAL C 256 2.73 13.45 35.77
N SER C 257 1.63 13.39 36.51
CA SER C 257 1.08 14.53 37.24
C SER C 257 2.17 15.21 38.05
N ASN C 258 3.01 14.44 38.74
CA ASN C 258 3.90 15.05 39.70
C ASN C 258 5.35 15.07 39.20
N LEU C 259 5.58 14.75 37.92
CA LEU C 259 6.93 14.66 37.38
C LEU C 259 7.38 15.96 36.74
N ASP C 260 8.66 16.29 36.97
CA ASP C 260 9.27 17.45 36.35
C ASP C 260 10.23 17.08 35.22
N GLU C 261 10.62 15.80 35.15
CA GLU C 261 11.48 15.31 34.08
C GLU C 261 11.13 13.84 33.85
N LEU C 262 11.60 13.31 32.73
CA LEU C 262 11.43 11.91 32.37
C LEU C 262 12.80 11.26 32.26
N PRO C 263 12.88 9.92 32.49
CA PRO C 263 14.15 9.21 32.31
C PRO C 263 14.69 9.38 30.89
N GLN C 264 15.97 9.65 30.75
CA GLN C 264 16.54 9.91 29.44
C GLN C 264 16.57 8.61 28.62
N VAL C 265 16.07 8.69 27.40
CA VAL C 265 16.11 7.58 26.46
C VAL C 265 16.62 8.12 25.12
N ASP C 266 17.65 7.42 24.60
CA ASP C 266 18.24 7.76 23.32
C ASP C 266 17.98 6.64 22.31
N ILE C 267 18.19 6.97 21.02
CA ILE C 267 17.94 6.06 19.90
C ILE C 267 19.21 5.91 19.07
N ILE C 268 19.60 4.66 18.81
N ILE C 268 19.54 4.67 18.74
CA ILE C 268 20.77 4.28 18.03
CA ILE C 268 20.72 4.34 17.96
C ILE C 268 20.28 3.52 16.79
C ILE C 268 20.27 3.51 16.76
N TYR C 269 20.86 3.79 15.61
CA TYR C 269 20.45 3.20 14.35
C TYR C 269 21.36 2.06 13.92
N GLY C 270 20.74 0.98 13.40
CA GLY C 270 21.52 -0.12 12.88
C GLY C 270 21.74 -0.09 11.37
N TYR C 271 22.94 -0.52 10.96
CA TYR C 271 23.35 -0.45 9.57
C TYR C 271 24.62 -1.27 9.41
N GLN C 272 24.96 -1.66 8.19
CA GLN C 272 26.20 -2.38 7.95
C GLN C 272 27.39 -1.57 8.44
N ASN C 273 28.37 -2.29 9.01
CA ASN C 273 29.65 -1.69 9.44
C ASN C 273 29.41 -0.67 10.55
N ASP C 274 28.32 -0.80 11.31
CA ASP C 274 28.07 0.04 12.47
C ASP C 274 28.98 -0.43 13.60
N GLY C 275 28.88 0.25 14.74
CA GLY C 275 29.78 0.01 15.84
C GLY C 275 29.10 -0.04 17.21
N SER C 276 29.96 -0.07 18.23
CA SER C 276 29.52 0.01 19.62
C SER C 276 29.66 1.42 20.17
N TYR C 277 30.42 2.31 19.51
CA TYR C 277 30.80 3.57 20.13
C TYR C 277 29.60 4.53 20.34
N LEU C 278 28.52 4.44 19.54
CA LEU C 278 27.37 5.30 19.78
C LEU C 278 26.60 4.86 21.03
N PHE C 279 26.53 3.54 21.27
CA PHE C 279 25.97 3.02 22.50
C PHE C 279 26.76 3.55 23.68
N ASP C 280 28.10 3.51 23.58
CA ASP C 280 28.94 3.96 24.66
C ASP C 280 28.67 5.43 24.93
N ALA C 281 28.53 6.23 23.87
CA ALA C 281 28.30 7.66 24.03
C ALA C 281 26.94 7.97 24.68
N ALA C 282 25.89 7.24 24.31
CA ALA C 282 24.58 7.44 24.90
C ALA C 282 24.63 7.12 26.40
N VAL C 283 25.34 6.04 26.78
CA VAL C 283 25.48 5.69 28.19
C VAL C 283 26.20 6.84 28.93
N LYS C 284 27.31 7.33 28.36
CA LYS C 284 28.06 8.40 29.00
C LYS C 284 27.21 9.67 29.16
N ALA C 285 26.27 9.92 28.23
CA ALA C 285 25.44 11.11 28.22
C ALA C 285 24.27 11.04 29.21
N GLY C 286 24.16 9.90 29.92
CA GLY C 286 23.15 9.68 30.94
C GLY C 286 21.94 8.87 30.49
N ALA C 287 21.97 8.15 29.37
CA ALA C 287 20.79 7.38 29.01
C ALA C 287 20.40 6.36 30.10
N LYS C 288 19.12 6.34 30.44
CA LYS C 288 18.52 5.33 31.29
C LYS C 288 17.95 4.18 30.46
N GLY C 289 17.56 4.49 29.22
CA GLY C 289 17.10 3.51 28.25
C GLY C 289 17.68 3.83 26.87
N ILE C 290 17.85 2.79 26.06
CA ILE C 290 18.27 2.96 24.68
C ILE C 290 17.31 2.14 23.81
N VAL C 291 16.81 2.76 22.75
CA VAL C 291 16.08 2.04 21.71
C VAL C 291 17.03 1.88 20.53
N PHE C 292 17.15 0.65 20.04
CA PHE C 292 17.96 0.35 18.87
C PHE C 292 17.06 0.11 17.67
N ALA C 293 17.25 0.89 16.62
CA ALA C 293 16.48 0.77 15.40
C ALA C 293 17.18 -0.27 14.53
N GLY C 294 16.87 -1.55 14.81
CA GLY C 294 17.58 -2.64 14.19
C GLY C 294 17.11 -2.91 12.75
N SER C 295 18.03 -3.44 11.94
N SER C 295 18.04 -3.45 11.96
CA SER C 295 17.64 -3.94 10.64
CA SER C 295 17.72 -4.00 10.66
C SER C 295 16.71 -5.14 10.82
C SER C 295 16.73 -5.15 10.82
N GLY C 296 15.76 -5.29 9.91
CA GLY C 296 14.86 -6.43 9.97
C GLY C 296 14.15 -6.51 11.32
N ASN C 297 14.03 -7.74 11.84
CA ASN C 297 13.30 -8.03 13.06
C ASN C 297 14.16 -7.74 14.29
N GLY C 298 14.52 -6.47 14.43
CA GLY C 298 15.34 -6.03 15.57
C GLY C 298 16.70 -6.71 15.68
N SER C 299 17.35 -6.94 14.53
CA SER C 299 18.64 -7.61 14.51
C SER C 299 19.78 -6.66 14.83
N LEU C 300 20.82 -7.22 15.45
CA LEU C 300 22.05 -6.49 15.78
C LEU C 300 23.27 -7.14 15.14
N SER C 301 24.17 -6.30 14.59
CA SER C 301 25.49 -6.79 14.23
C SER C 301 26.22 -7.23 15.51
N ASP C 302 27.31 -7.95 15.33
CA ASP C 302 28.12 -8.31 16.48
C ASP C 302 28.60 -7.06 17.23
N ALA C 303 29.01 -6.02 16.49
CA ALA C 303 29.47 -4.79 17.14
C ALA C 303 28.35 -4.09 17.91
N ALA C 304 27.17 -3.99 17.31
CA ALA C 304 26.06 -3.35 18.00
C ALA C 304 25.72 -4.15 19.25
N GLU C 305 25.73 -5.48 19.15
CA GLU C 305 25.37 -6.32 20.30
C GLU C 305 26.37 -6.13 21.43
N LYS C 306 27.67 -5.93 21.11
CA LYS C 306 28.63 -5.63 22.14
C LYS C 306 28.27 -4.32 22.87
N GLY C 307 27.89 -3.29 22.10
CA GLY C 307 27.50 -2.01 22.69
C GLY C 307 26.28 -2.15 23.57
N ALA C 308 25.29 -2.90 23.06
CA ALA C 308 24.04 -3.08 23.78
C ALA C 308 24.26 -3.86 25.09
N ASP C 309 25.05 -4.93 25.00
CA ASP C 309 25.33 -5.72 26.19
C ASP C 309 26.08 -4.89 27.24
N SER C 310 26.99 -4.03 26.79
N SER C 310 26.96 -4.01 26.80
CA SER C 310 27.69 -3.10 27.66
CA SER C 310 27.67 -3.17 27.75
C SER C 310 26.72 -2.21 28.42
C SER C 310 26.73 -2.18 28.43
N ALA C 311 25.79 -1.63 27.69
CA ALA C 311 24.77 -0.75 28.27
C ALA C 311 23.94 -1.47 29.32
N VAL C 312 23.47 -2.69 29.01
CA VAL C 312 22.66 -3.45 29.96
C VAL C 312 23.46 -3.72 31.23
N LYS C 313 24.75 -4.05 31.09
CA LYS C 313 25.59 -4.33 32.25
C LYS C 313 25.77 -3.09 33.14
N LYS C 314 25.70 -1.88 32.55
CA LYS C 314 25.75 -0.63 33.28
C LYS C 314 24.37 -0.16 33.78
N GLY C 315 23.33 -0.99 33.66
CA GLY C 315 22.02 -0.68 34.21
C GLY C 315 21.13 0.15 33.30
N VAL C 316 21.40 0.17 32.00
CA VAL C 316 20.55 0.82 31.02
C VAL C 316 19.61 -0.24 30.45
N THR C 317 18.33 0.07 30.27
CA THR C 317 17.41 -0.83 29.60
C THR C 317 17.49 -0.65 28.11
N VAL C 318 17.66 -1.75 27.38
CA VAL C 318 17.80 -1.71 25.94
C VAL C 318 16.61 -2.43 25.30
N VAL C 319 15.94 -1.71 24.37
CA VAL C 319 14.80 -2.23 23.63
C VAL C 319 15.20 -2.24 22.17
N ARG C 320 15.02 -3.41 21.52
CA ARG C 320 15.21 -3.55 20.10
C ARG C 320 13.93 -3.18 19.38
N SER C 321 13.96 -2.11 18.59
CA SER C 321 12.92 -1.78 17.63
C SER C 321 13.45 -2.14 16.23
N THR C 322 12.82 -1.58 15.21
CA THR C 322 13.19 -1.83 13.81
C THR C 322 13.26 -0.53 13.03
N ARG C 323 14.13 -0.50 12.03
CA ARG C 323 14.23 0.65 11.09
C ARG C 323 13.30 0.42 9.88
N THR C 324 12.65 -0.75 9.78
CA THR C 324 11.92 -1.09 8.55
C THR C 324 10.70 -0.21 8.29
N GLY C 325 9.96 0.11 9.34
CA GLY C 325 8.76 0.90 9.27
C GLY C 325 7.48 0.19 9.68
N ASN C 326 7.46 -1.13 9.67
CA ASN C 326 6.21 -1.87 9.89
C ASN C 326 6.54 -3.21 10.48
N GLY C 327 5.51 -3.87 10.99
CA GLY C 327 5.64 -5.22 11.54
C GLY C 327 5.96 -5.25 13.03
N VAL C 328 6.01 -6.46 13.57
N VAL C 328 6.07 -6.49 13.53
CA VAL C 328 6.33 -6.66 14.97
CA VAL C 328 6.30 -6.78 14.92
C VAL C 328 7.78 -7.09 15.08
C VAL C 328 7.77 -7.17 15.12
N VAL C 329 8.45 -6.52 16.08
CA VAL C 329 9.71 -7.03 16.57
C VAL C 329 9.39 -8.06 17.62
N THR C 330 9.76 -9.33 17.34
CA THR C 330 9.41 -10.44 18.18
C THR C 330 10.47 -10.74 19.22
N PRO C 331 10.07 -11.37 20.34
CA PRO C 331 11.06 -11.79 21.33
C PRO C 331 11.85 -12.90 20.67
N ASN C 332 13.13 -12.92 20.87
CA ASN C 332 14.07 -13.86 20.29
C ASN C 332 14.80 -14.44 21.47
N GLN C 333 14.90 -15.75 21.57
CA GLN C 333 15.42 -16.38 22.77
C GLN C 333 16.83 -15.88 23.09
N ASP C 334 17.70 -15.74 22.07
CA ASP C 334 19.08 -15.33 22.34
C ASP C 334 19.12 -13.92 22.91
N TYR C 335 18.31 -13.02 22.34
CA TYR C 335 18.29 -11.65 22.79
C TYR C 335 17.57 -11.55 24.14
N ALA C 336 16.46 -12.26 24.31
CA ALA C 336 15.64 -12.11 25.52
C ALA C 336 16.41 -12.56 26.77
N GLU C 337 17.25 -13.59 26.62
CA GLU C 337 18.05 -14.10 27.72
C GLU C 337 19.06 -13.09 28.22
N LYS C 338 19.40 -12.11 27.37
CA LYS C 338 20.34 -11.05 27.67
C LYS C 338 19.64 -9.72 27.93
N ASP C 339 18.31 -9.74 28.07
CA ASP C 339 17.50 -8.57 28.36
C ASP C 339 17.60 -7.53 27.25
N LEU C 340 17.77 -8.00 26.00
CA LEU C 340 17.63 -7.12 24.87
C LEU C 340 16.20 -7.24 24.37
N LEU C 341 15.34 -6.34 24.83
CA LEU C 341 13.90 -6.53 24.77
C LEU C 341 13.37 -6.31 23.34
N ALA C 342 12.09 -6.68 23.13
CA ALA C 342 11.44 -6.55 21.84
C ALA C 342 10.41 -5.43 21.87
N SER C 343 10.41 -4.57 20.84
CA SER C 343 9.49 -3.41 20.79
C SER C 343 8.08 -3.69 20.28
N ASN C 344 7.75 -4.94 19.94
CA ASN C 344 6.40 -5.23 19.44
C ASN C 344 6.23 -4.42 18.16
N SER C 345 5.05 -3.86 17.89
CA SER C 345 4.81 -3.09 16.70
C SER C 345 5.03 -1.58 16.94
N LEU C 346 5.91 -1.20 17.87
CA LEU C 346 6.34 0.19 18.05
C LEU C 346 7.64 0.46 17.29
N ASN C 347 7.63 1.53 16.49
CA ASN C 347 8.81 2.06 15.81
C ASN C 347 9.73 2.73 16.82
N PRO C 348 10.93 3.18 16.39
CA PRO C 348 11.91 3.54 17.41
C PRO C 348 11.49 4.70 18.29
N GLN C 349 10.95 5.73 17.64
CA GLN C 349 10.59 6.95 18.33
C GLN C 349 9.34 6.76 19.19
N LYS C 350 8.43 5.88 18.80
CA LYS C 350 7.28 5.62 19.67
C LYS C 350 7.67 4.68 20.82
N ALA C 351 8.53 3.69 20.53
CA ALA C 351 9.09 2.82 21.57
C ALA C 351 9.77 3.67 22.64
N ARG C 352 10.46 4.74 22.23
CA ARG C 352 11.15 5.60 23.16
C ARG C 352 10.16 6.17 24.17
N MET C 353 8.98 6.58 23.70
CA MET C 353 7.97 7.19 24.61
C MET C 353 7.52 6.17 25.67
N LEU C 354 7.23 4.93 25.24
CA LEU C 354 6.82 3.91 26.19
C LEU C 354 7.96 3.54 27.12
N LEU C 355 9.21 3.49 26.62
CA LEU C 355 10.31 3.13 27.49
C LEU C 355 10.52 4.20 28.57
N MET C 356 10.46 5.49 28.21
CA MET C 356 10.59 6.55 29.21
C MET C 356 9.55 6.36 30.33
N LEU C 357 8.29 6.11 29.94
CA LEU C 357 7.23 5.98 30.92
C LEU C 357 7.40 4.69 31.74
N ALA C 358 7.81 3.59 31.10
CA ALA C 358 8.08 2.36 31.81
C ALA C 358 9.10 2.61 32.92
N LEU C 359 10.16 3.38 32.60
CA LEU C 359 11.24 3.63 33.54
C LEU C 359 10.83 4.57 34.70
N THR C 360 9.66 5.22 34.61
CA THR C 360 9.11 5.92 35.78
C THR C 360 8.53 4.95 36.80
N LYS C 361 8.28 3.69 36.39
CA LYS C 361 7.64 2.68 37.21
C LYS C 361 8.61 1.61 37.70
N THR C 362 9.56 1.19 36.86
CA THR C 362 10.38 0.02 37.13
C THR C 362 11.63 -0.06 36.30
N ASN C 363 12.62 -0.79 36.80
CA ASN C 363 13.78 -1.20 36.01
C ASN C 363 13.79 -2.69 35.67
N ASP C 364 12.72 -3.40 36.00
CA ASP C 364 12.67 -4.85 35.83
C ASP C 364 12.45 -5.14 34.36
N PRO C 365 13.36 -5.85 33.65
CA PRO C 365 13.18 -6.04 32.22
C PRO C 365 11.95 -6.86 31.84
N GLN C 366 11.54 -7.80 32.69
CA GLN C 366 10.36 -8.61 32.41
C GLN C 366 9.10 -7.73 32.49
N LYS C 367 9.08 -6.80 33.46
CA LYS C 367 7.94 -5.90 33.57
C LYS C 367 7.88 -4.91 32.40
N ILE C 368 9.04 -4.41 32.00
CA ILE C 368 9.11 -3.51 30.86
C ILE C 368 8.67 -4.23 29.58
N GLN C 369 9.12 -5.46 29.39
CA GLN C 369 8.70 -6.23 28.22
C GLN C 369 7.18 -6.39 28.22
N ALA C 370 6.58 -6.69 29.38
CA ALA C 370 5.13 -6.86 29.44
C ALA C 370 4.41 -5.56 29.07
N TYR C 371 4.95 -4.39 29.47
CA TYR C 371 4.36 -3.14 29.02
C TYR C 371 4.39 -3.06 27.48
N PHE C 372 5.51 -3.44 26.86
CA PHE C 372 5.63 -3.39 25.41
C PHE C 372 4.62 -4.30 24.70
N ASN C 373 4.07 -5.32 25.38
CA ASN C 373 3.08 -6.20 24.79
C ASN C 373 1.65 -5.70 25.02
N GLU C 374 1.46 -4.77 25.96
CA GLU C 374 0.08 -4.36 26.26
C GLU C 374 -0.27 -2.95 25.79
N TYR C 375 0.72 -2.04 25.68
CA TYR C 375 0.48 -0.63 25.38
C TYR C 375 0.71 -0.29 23.89
N ASP D 49 12.30 31.60 -22.91
CA ASP D 49 10.89 32.02 -22.74
C ASP D 49 10.13 30.79 -22.22
N LEU D 50 8.93 31.02 -21.73
CA LEU D 50 8.20 30.01 -21.01
C LEU D 50 7.49 29.11 -22.01
N PRO D 51 7.20 27.85 -21.64
CA PRO D 51 6.45 26.96 -22.51
C PRO D 51 5.00 27.43 -22.68
N ASN D 52 4.45 27.20 -23.88
CA ASN D 52 3.07 27.48 -24.21
C ASN D 52 2.25 26.23 -23.90
N ILE D 53 1.40 26.35 -22.88
CA ILE D 53 0.58 25.25 -22.39
C ILE D 53 -0.88 25.58 -22.66
N ARG D 54 -1.57 24.65 -23.31
CA ARG D 54 -3.02 24.82 -23.61
C ARG D 54 -3.85 23.93 -22.67
N ILE D 55 -4.82 24.52 -22.00
CA ILE D 55 -5.74 23.82 -21.13
C ILE D 55 -7.03 23.56 -21.90
N LEU D 56 -7.37 22.28 -22.05
CA LEU D 56 -8.64 21.85 -22.61
C LEU D 56 -9.54 21.43 -21.45
N ALA D 57 -10.60 22.22 -21.21
CA ALA D 57 -11.57 21.91 -20.17
C ALA D 57 -12.69 21.05 -20.76
N THR D 58 -13.10 20.03 -20.00
CA THR D 58 -14.17 19.13 -20.39
C THR D 58 -15.45 19.36 -19.59
N GLY D 59 -15.40 20.23 -18.59
CA GLY D 59 -16.55 20.50 -17.74
C GLY D 59 -16.31 21.71 -16.86
N GLY D 60 -16.79 21.66 -15.62
CA GLY D 60 -16.67 22.78 -14.72
C GLY D 60 -15.21 23.04 -14.32
N THR D 61 -14.97 24.17 -13.67
CA THR D 61 -13.63 24.52 -13.24
C THR D 61 -13.22 23.69 -12.03
N ILE D 62 -11.92 23.34 -11.96
CA ILE D 62 -11.41 22.60 -10.81
C ILE D 62 -10.74 23.55 -9.83
N ALA D 63 -10.58 24.82 -10.20
CA ALA D 63 -9.91 25.78 -9.33
C ALA D 63 -10.61 27.12 -9.42
N GLY D 64 -10.87 27.75 -8.28
CA GLY D 64 -11.51 29.05 -8.22
C GLY D 64 -13.01 28.96 -7.99
N SER D 84 -10.24 32.27 -16.62
CA SER D 84 -10.50 32.42 -15.16
C SER D 84 -9.62 31.47 -14.32
N LEU D 85 -9.13 30.38 -14.89
CA LEU D 85 -8.21 29.51 -14.17
C LEU D 85 -6.93 30.30 -13.82
N ILE D 86 -6.47 31.18 -14.72
CA ILE D 86 -5.25 31.95 -14.50
C ILE D 86 -5.46 32.92 -13.35
N GLU D 87 -6.69 33.43 -13.24
CA GLU D 87 -7.04 34.31 -12.14
C GLU D 87 -7.04 33.49 -10.85
N ALA D 88 -7.52 32.25 -10.93
CA ALA D 88 -7.64 31.39 -9.76
C ALA D 88 -6.26 30.94 -9.27
N VAL D 89 -5.33 30.73 -10.20
CA VAL D 89 -4.01 30.19 -9.87
C VAL D 89 -2.97 31.03 -10.59
N PRO D 90 -2.77 32.30 -10.16
CA PRO D 90 -1.92 33.22 -10.90
C PRO D 90 -0.45 32.79 -10.94
N GLU D 91 -0.02 31.92 -10.01
CA GLU D 91 1.36 31.45 -9.97
C GLU D 91 1.73 30.72 -11.27
N MET D 92 0.72 30.23 -12.00
CA MET D 92 0.96 29.53 -13.27
C MET D 92 1.68 30.44 -14.26
N LYS D 93 1.49 31.75 -14.16
CA LYS D 93 2.06 32.69 -15.14
C LYS D 93 3.58 32.69 -15.07
N ASP D 94 4.13 32.25 -13.95
CA ASP D 94 5.56 32.30 -13.77
C ASP D 94 6.22 31.06 -14.38
N ILE D 95 5.43 30.01 -14.71
CA ILE D 95 5.96 28.78 -15.25
C ILE D 95 5.45 28.43 -16.65
N ALA D 96 4.44 29.12 -17.17
CA ALA D 96 3.95 28.84 -18.50
C ALA D 96 3.21 30.06 -19.05
N ASN D 97 3.06 30.08 -20.38
CA ASN D 97 2.10 30.95 -21.04
C ASN D 97 0.85 30.12 -21.28
N VAL D 98 -0.19 30.39 -20.52
CA VAL D 98 -1.37 29.55 -20.48
C VAL D 98 -2.47 30.12 -21.36
N SER D 99 -3.12 29.22 -22.08
CA SER D 99 -4.33 29.52 -22.82
C SER D 99 -5.29 28.35 -22.67
N GLY D 100 -6.56 28.53 -23.02
CA GLY D 100 -7.49 27.44 -22.83
C GLY D 100 -8.69 27.49 -23.75
N GLU D 101 -9.44 26.39 -23.69
CA GLU D 101 -10.65 26.25 -24.44
C GLU D 101 -11.56 25.23 -23.76
N GLN D 102 -12.86 25.42 -23.98
CA GLN D 102 -13.90 24.56 -23.43
C GLN D 102 -14.34 23.53 -24.50
N ILE D 103 -13.57 22.45 -24.63
CA ILE D 103 -13.76 21.57 -25.76
C ILE D 103 -15.12 20.86 -25.67
N VAL D 104 -15.50 20.43 -24.47
CA VAL D 104 -16.83 19.90 -24.18
C VAL D 104 -17.23 20.40 -22.79
N ASN D 105 -18.46 20.11 -22.35
CA ASN D 105 -18.93 20.61 -21.08
C ASN D 105 -19.92 19.59 -20.51
N VAL D 106 -19.35 18.55 -19.91
CA VAL D 106 -20.11 17.43 -19.40
C VAL D 106 -19.49 16.91 -18.11
N GLY D 107 -20.31 16.18 -17.33
CA GLY D 107 -19.83 15.35 -16.24
C GLY D 107 -19.09 14.12 -16.76
N SER D 108 -18.06 13.65 -16.05
CA SER D 108 -17.18 12.65 -16.63
C SER D 108 -17.88 11.30 -16.85
N THR D 109 -18.97 10.98 -16.13
CA THR D 109 -19.70 9.77 -16.43
C THR D 109 -20.38 9.81 -17.81
N ASN D 110 -20.54 11.02 -18.37
CA ASN D 110 -21.16 11.20 -19.68
C ASN D 110 -20.15 11.49 -20.79
N ILE D 111 -18.84 11.34 -20.52
CA ILE D 111 -17.85 11.29 -21.60
C ILE D 111 -18.10 9.97 -22.34
N ASP D 112 -18.11 10.03 -23.65
CA ASP D 112 -18.46 8.89 -24.48
C ASP D 112 -17.47 8.80 -25.65
N ASN D 113 -17.64 7.81 -26.50
CA ASN D 113 -16.75 7.61 -27.63
C ASN D 113 -16.68 8.80 -28.56
N LYS D 114 -17.81 9.47 -28.79
CA LYS D 114 -17.80 10.63 -29.67
C LYS D 114 -16.88 11.70 -29.11
N ILE D 115 -17.00 11.94 -27.81
CA ILE D 115 -16.13 12.93 -27.16
C ILE D 115 -14.66 12.51 -27.19
N LEU D 116 -14.34 11.25 -26.91
CA LEU D 116 -12.97 10.79 -26.96
C LEU D 116 -12.36 11.05 -28.32
N LEU D 117 -13.11 10.74 -29.39
CA LEU D 117 -12.58 10.94 -30.74
C LEU D 117 -12.33 12.43 -30.97
N LYS D 118 -13.26 13.28 -30.53
CA LYS D 118 -13.10 14.72 -30.68
C LYS D 118 -11.85 15.20 -29.94
N LEU D 119 -11.64 14.73 -28.72
CA LEU D 119 -10.51 15.14 -27.90
C LEU D 119 -9.18 14.68 -28.52
N ALA D 120 -9.09 13.43 -28.97
CA ALA D 120 -7.84 12.93 -29.56
C ALA D 120 -7.54 13.67 -30.85
N LYS D 121 -8.56 13.97 -31.67
CA LYS D 121 -8.29 14.66 -32.94
C LYS D 121 -7.76 16.07 -32.64
N ARG D 122 -8.39 16.74 -31.69
CA ARG D 122 -8.04 18.14 -31.35
C ARG D 122 -6.63 18.19 -30.75
N ILE D 123 -6.31 17.30 -29.83
CA ILE D 123 -4.98 17.25 -29.23
C ILE D 123 -3.94 16.96 -30.31
N ASN D 124 -4.21 15.99 -31.18
CA ASN D 124 -3.25 15.69 -32.26
C ASN D 124 -2.98 16.93 -33.12
N HIS D 125 -4.03 17.67 -33.44
CA HIS D 125 -3.88 18.85 -34.24
C HIS D 125 -3.04 19.89 -33.51
N LEU D 126 -3.39 20.15 -32.24
CA LEU D 126 -2.66 21.17 -31.48
C LEU D 126 -1.18 20.80 -31.34
N LEU D 127 -0.88 19.54 -30.99
CA LEU D 127 0.53 19.23 -30.73
C LEU D 127 1.36 19.21 -32.01
N ALA D 128 0.74 19.16 -33.18
CA ALA D 128 1.48 19.24 -34.43
C ALA D 128 2.03 20.65 -34.64
N SER D 129 1.46 21.65 -33.97
CA SER D 129 1.92 23.03 -34.08
C SER D 129 3.20 23.26 -33.31
N ASP D 130 4.10 24.10 -33.86
CA ASP D 130 5.30 24.45 -33.13
C ASP D 130 5.02 25.37 -31.94
N ASP D 131 3.87 26.03 -31.84
CA ASP D 131 3.67 26.97 -30.73
C ASP D 131 2.85 26.36 -29.58
N VAL D 132 2.60 25.05 -29.63
CA VAL D 132 2.05 24.35 -28.47
C VAL D 132 3.10 23.39 -27.91
N ASP D 133 3.52 23.62 -26.66
CA ASP D 133 4.57 22.81 -26.05
C ASP D 133 3.97 21.64 -25.26
N GLY D 134 2.75 21.77 -24.75
CA GLY D 134 2.14 20.72 -23.94
C GLY D 134 0.68 21.08 -23.69
N ILE D 135 -0.10 20.06 -23.28
CA ILE D 135 -1.53 20.21 -23.04
C ILE D 135 -1.88 19.66 -21.65
N VAL D 136 -2.80 20.39 -21.00
CA VAL D 136 -3.46 19.91 -19.80
C VAL D 136 -4.94 19.75 -20.10
N VAL D 137 -5.53 18.60 -19.72
CA VAL D 137 -6.95 18.38 -19.86
C VAL D 137 -7.55 18.36 -18.45
N THR D 138 -8.52 19.25 -18.17
CA THR D 138 -9.20 19.17 -16.89
C THR D 138 -10.43 18.29 -17.07
N HIS D 139 -10.64 17.36 -16.14
CA HIS D 139 -11.59 16.27 -16.33
C HIS D 139 -12.14 15.82 -14.98
N GLY D 140 -13.41 15.37 -14.96
CA GLY D 140 -13.96 14.79 -13.74
C GLY D 140 -13.17 13.53 -13.38
N THR D 141 -13.05 13.24 -12.09
CA THR D 141 -12.20 12.13 -11.68
C THR D 141 -12.84 10.76 -11.95
N ASP D 142 -14.19 10.64 -11.99
CA ASP D 142 -14.79 9.31 -12.03
C ASP D 142 -14.27 8.48 -13.19
N THR D 143 -14.19 9.06 -14.40
CA THR D 143 -13.77 8.32 -15.60
C THR D 143 -12.46 8.85 -16.18
N LEU D 144 -11.76 9.68 -15.41
CA LEU D 144 -10.47 10.23 -15.82
C LEU D 144 -9.51 9.19 -16.38
N GLU D 145 -9.43 8.03 -15.71
CA GLU D 145 -8.46 7.01 -16.13
C GLU D 145 -8.80 6.45 -17.53
N GLU D 146 -10.08 6.42 -17.89
CA GLU D 146 -10.54 5.92 -19.18
C GLU D 146 -10.08 6.87 -20.29
N THR D 147 -10.38 8.15 -20.13
CA THR D 147 -9.91 9.15 -21.10
C THR D 147 -8.39 9.14 -21.20
N ALA D 148 -7.70 9.12 -20.04
CA ALA D 148 -6.24 9.25 -20.06
C ALA D 148 -5.62 8.10 -20.83
N TYR D 149 -6.10 6.88 -20.60
CA TYR D 149 -5.53 5.72 -21.29
C TYR D 149 -5.90 5.74 -22.78
N PHE D 150 -7.12 6.14 -23.13
CA PHE D 150 -7.42 6.28 -24.54
C PHE D 150 -6.44 7.23 -25.24
N LEU D 151 -6.17 8.38 -24.65
CA LEU D 151 -5.25 9.35 -25.22
C LEU D 151 -3.82 8.79 -25.28
N ASN D 152 -3.43 7.99 -24.27
CA ASN D 152 -2.15 7.31 -24.29
C ASN D 152 -1.97 6.45 -25.53
N LEU D 153 -3.06 5.92 -26.08
CA LEU D 153 -3.01 5.04 -27.25
C LEU D 153 -3.19 5.77 -28.59
N THR D 154 -3.64 7.02 -28.57
CA THR D 154 -4.07 7.70 -29.78
C THR D 154 -3.41 9.05 -30.05
N VAL D 155 -2.68 9.62 -29.08
CA VAL D 155 -2.01 10.89 -29.29
C VAL D 155 -0.62 10.60 -29.86
N LYS D 156 -0.42 10.98 -31.13
CA LYS D 156 0.75 10.56 -31.90
C LYS D 156 1.85 11.62 -31.82
N SER D 157 2.30 11.86 -30.60
CA SER D 157 3.27 12.93 -30.33
C SER D 157 4.00 12.53 -29.07
N ASP D 158 5.23 13.05 -28.91
CA ASP D 158 5.96 12.86 -27.67
C ASP D 158 5.76 14.05 -26.74
N LYS D 159 5.02 15.07 -27.15
CA LYS D 159 4.85 16.23 -26.30
C LYS D 159 3.93 15.89 -25.14
N PRO D 160 4.08 16.51 -23.97
CA PRO D 160 3.25 16.10 -22.82
C PRO D 160 1.77 16.43 -22.94
N VAL D 161 0.97 15.41 -22.58
CA VAL D 161 -0.44 15.57 -22.30
C VAL D 161 -0.66 15.10 -20.87
N VAL D 162 -1.22 16.03 -20.06
CA VAL D 162 -1.43 15.76 -18.64
C VAL D 162 -2.90 15.91 -18.35
N ILE D 163 -3.49 14.89 -17.71
CA ILE D 163 -4.91 14.91 -17.34
C ILE D 163 -4.95 15.19 -15.83
N VAL D 164 -5.85 16.08 -15.43
CA VAL D 164 -5.90 16.56 -14.07
C VAL D 164 -7.37 16.69 -13.65
N GLY D 165 -7.65 16.50 -12.36
CA GLY D 165 -8.96 16.75 -11.78
C GLY D 165 -8.79 17.15 -10.33
N SER D 166 -9.92 17.23 -9.63
CA SER D 166 -9.92 17.53 -8.21
C SER D 166 -10.92 16.61 -7.52
N MET D 167 -10.56 16.16 -6.32
CA MET D 167 -11.43 15.30 -5.53
C MET D 167 -12.35 16.12 -4.63
N ARG D 168 -12.01 17.38 -4.38
CA ARG D 168 -12.87 18.30 -3.65
C ARG D 168 -13.35 19.38 -4.62
N PRO D 169 -14.60 19.84 -4.51
CA PRO D 169 -15.06 20.94 -5.35
C PRO D 169 -14.22 22.19 -5.15
N SER D 170 -14.14 23.01 -6.20
CA SER D 170 -13.32 24.22 -6.17
C SER D 170 -13.71 25.15 -5.02
N THR D 171 -14.97 25.08 -4.56
CA THR D 171 -15.50 25.92 -3.50
C THR D 171 -15.31 25.35 -2.11
N ALA D 172 -14.74 24.14 -2.00
CA ALA D 172 -14.70 23.48 -0.71
C ALA D 172 -13.50 23.97 0.09
N ILE D 173 -13.54 23.72 1.40
CA ILE D 173 -12.39 23.94 2.26
C ILE D 173 -11.19 23.07 1.83
N SER D 174 -10.03 23.70 1.70
CA SER D 174 -8.81 23.03 1.28
C SER D 174 -8.99 22.31 -0.06
N ALA D 175 -9.71 22.93 -1.00
CA ALA D 175 -9.83 22.45 -2.37
C ALA D 175 -8.46 22.04 -2.92
N ASP D 176 -8.37 20.88 -3.56
CA ASP D 176 -7.10 20.33 -4.06
C ASP D 176 -6.86 20.75 -5.50
N GLY D 177 -7.86 21.27 -6.19
CA GLY D 177 -7.72 21.60 -7.60
C GLY D 177 -6.64 22.65 -7.90
N PRO D 178 -6.52 23.74 -7.13
CA PRO D 178 -5.49 24.73 -7.46
C PRO D 178 -4.08 24.13 -7.54
N SER D 179 -3.69 23.35 -6.53
CA SER D 179 -2.38 22.70 -6.55
C SER D 179 -2.29 21.70 -7.69
N ASN D 180 -3.33 20.87 -7.86
CA ASN D 180 -3.33 19.88 -8.93
C ASN D 180 -3.09 20.55 -10.29
N LEU D 181 -3.81 21.64 -10.54
CA LEU D 181 -3.71 22.35 -11.81
C LEU D 181 -2.34 22.97 -11.98
N TYR D 182 -1.84 23.63 -10.95
CA TYR D 182 -0.51 24.19 -11.02
C TYR D 182 0.52 23.12 -11.36
N ASN D 183 0.47 22.00 -10.65
CA ASN D 183 1.41 20.91 -10.89
C ASN D 183 1.23 20.32 -12.29
N ALA D 184 -0.01 20.25 -12.79
CA ALA D 184 -0.25 19.71 -14.13
C ALA D 184 0.41 20.59 -15.19
N VAL D 185 0.29 21.90 -15.03
CA VAL D 185 0.91 22.83 -15.94
C VAL D 185 2.46 22.75 -15.82
N LYS D 186 2.97 22.61 -14.61
CA LYS D 186 4.40 22.46 -14.37
C LYS D 186 4.93 21.24 -15.09
N VAL D 187 4.22 20.10 -14.98
CA VAL D 187 4.64 18.89 -15.65
C VAL D 187 4.53 19.02 -17.17
N ALA D 188 3.42 19.59 -17.67
CA ALA D 188 3.20 19.72 -19.10
C ALA D 188 4.29 20.55 -19.77
N GLY D 189 4.87 21.50 -19.03
CA GLY D 189 5.95 22.33 -19.54
C GLY D 189 7.36 21.85 -19.23
N ALA D 190 7.49 20.72 -18.55
CA ALA D 190 8.81 20.24 -18.16
C ALA D 190 9.43 19.52 -19.35
N PRO D 191 10.67 19.87 -19.77
CA PRO D 191 11.34 19.14 -20.85
C PRO D 191 11.44 17.63 -20.65
N GLU D 192 11.64 17.17 -19.39
CA GLU D 192 11.79 15.75 -19.11
C GLU D 192 10.48 14.99 -19.14
N ALA D 193 9.35 15.67 -19.27
CA ALA D 193 8.09 14.97 -19.45
C ALA D 193 7.91 14.48 -20.89
N LYS D 194 8.74 14.96 -21.84
CA LYS D 194 8.63 14.50 -23.23
C LYS D 194 8.87 12.99 -23.28
N GLY D 195 8.03 12.29 -24.05
CA GLY D 195 8.24 10.87 -24.32
C GLY D 195 7.81 9.96 -23.17
N LYS D 196 7.17 10.49 -22.13
CA LYS D 196 6.77 9.69 -20.97
C LYS D 196 5.42 9.01 -21.13
N GLY D 197 4.71 9.29 -22.22
CA GLY D 197 3.32 8.83 -22.34
C GLY D 197 2.36 9.78 -21.64
N THR D 198 1.04 9.58 -21.78
CA THR D 198 0.05 10.45 -21.17
C THR D 198 0.15 10.31 -19.65
N LEU D 199 0.10 11.44 -18.94
CA LEU D 199 0.29 11.48 -17.51
C LEU D 199 -0.98 11.97 -16.82
N VAL D 200 -1.13 11.52 -15.58
CA VAL D 200 -2.23 11.89 -14.69
C VAL D 200 -1.62 12.51 -13.45
N VAL D 201 -1.95 13.77 -13.17
CA VAL D 201 -1.30 14.52 -12.10
C VAL D 201 -2.32 14.99 -11.08
N LEU D 202 -2.29 14.40 -9.89
CA LEU D 202 -3.09 14.84 -8.74
C LEU D 202 -2.23 14.59 -7.50
N ASN D 203 -2.41 15.43 -6.50
CA ASN D 203 -1.86 15.21 -5.16
C ASN D 203 -0.34 15.01 -5.18
N ASP D 204 0.35 15.90 -5.92
CA ASP D 204 1.81 15.89 -5.99
C ASP D 204 2.41 14.65 -6.63
N ARG D 205 1.59 13.85 -7.33
CA ARG D 205 2.03 12.63 -7.96
C ARG D 205 1.85 12.68 -9.47
N ILE D 206 2.76 12.05 -10.19
CA ILE D 206 2.76 12.02 -11.64
C ILE D 206 2.64 10.55 -12.04
N ALA D 207 1.45 10.14 -12.46
CA ALA D 207 1.17 8.74 -12.75
C ALA D 207 1.10 8.52 -14.25
N SER D 208 1.56 7.34 -14.73
N SER D 208 1.54 7.34 -14.70
CA SER D 208 1.28 6.94 -16.11
CA SER D 208 1.28 6.93 -16.09
C SER D 208 -0.21 6.63 -16.29
C SER D 208 -0.20 6.60 -16.30
N ALA D 209 -0.78 7.03 -17.42
CA ALA D 209 -2.10 6.59 -17.81
C ALA D 209 -2.18 5.07 -17.90
N ARG D 210 -1.08 4.40 -18.29
CA ARG D 210 -1.13 2.96 -18.49
C ARG D 210 -1.29 2.23 -17.14
N TYR D 211 -0.79 2.77 -16.03
CA TYR D 211 -0.77 2.05 -14.77
C TYR D 211 -1.73 2.62 -13.71
N VAL D 212 -2.19 3.85 -13.83
CA VAL D 212 -2.97 4.45 -12.75
C VAL D 212 -4.44 4.02 -12.80
N THR D 213 -5.08 4.08 -11.64
N THR D 213 -5.07 4.06 -11.64
CA THR D 213 -6.52 3.96 -11.51
CA THR D 213 -6.52 3.95 -11.52
C THR D 213 -6.96 4.83 -10.34
C THR D 213 -6.95 4.81 -10.34
N LYS D 214 -8.24 5.18 -10.33
CA LYS D 214 -8.91 5.79 -9.18
C LYS D 214 -9.26 4.68 -8.20
N THR D 215 -8.56 4.67 -7.03
CA THR D 215 -8.66 3.57 -6.12
C THR D 215 -9.62 3.78 -4.96
N ASN D 216 -10.06 5.02 -4.77
CA ASN D 216 -10.92 5.38 -3.63
C ASN D 216 -12.01 6.34 -4.12
N THR D 217 -13.20 6.17 -3.57
CA THR D 217 -14.35 6.99 -3.93
C THR D 217 -14.16 8.49 -3.75
N THR D 218 -13.52 8.91 -2.63
CA THR D 218 -13.56 10.32 -2.20
C THR D 218 -12.24 10.94 -1.75
N THR D 219 -11.17 10.17 -1.52
CA THR D 219 -9.99 10.74 -0.91
C THR D 219 -9.14 11.49 -1.94
N THR D 220 -8.35 12.47 -1.45
CA THR D 220 -7.51 13.26 -2.32
C THR D 220 -6.38 12.43 -2.95
N ASP D 221 -5.96 11.36 -2.24
CA ASP D 221 -4.90 10.47 -2.66
C ASP D 221 -5.32 9.20 -3.45
N THR D 222 -6.43 9.27 -4.09
CA THR D 222 -7.05 8.15 -4.79
C THR D 222 -6.26 7.68 -6.01
N PHE D 223 -5.66 8.46 -6.85
CA PHE D 223 -4.98 7.98 -8.06
C PHE D 223 -3.62 7.38 -7.70
N LYS D 224 -3.50 6.07 -7.87
CA LYS D 224 -2.31 5.33 -7.46
C LYS D 224 -2.12 4.11 -8.36
N SER D 225 -0.94 3.50 -8.25
CA SER D 225 -0.64 2.17 -8.77
C SER D 225 0.17 1.39 -7.75
N GLU D 226 -0.44 0.40 -7.10
CA GLU D 226 0.25 -0.35 -6.07
C GLU D 226 1.51 -1.04 -6.62
N GLU D 227 1.42 -1.60 -7.81
CA GLU D 227 2.50 -2.45 -8.30
C GLU D 227 3.50 -1.68 -9.17
N MET D 228 3.09 -0.60 -9.81
CA MET D 228 3.96 0.15 -10.74
C MET D 228 4.36 1.53 -10.21
N GLY D 229 3.73 1.98 -9.13
CA GLY D 229 4.06 3.30 -8.57
C GLY D 229 3.78 4.40 -9.59
N PHE D 230 4.47 5.52 -9.37
CA PHE D 230 4.35 6.72 -10.17
C PHE D 230 5.52 6.87 -11.12
N VAL D 231 5.26 7.55 -12.25
CA VAL D 231 6.35 8.03 -13.11
C VAL D 231 7.24 9.02 -12.36
N GLY D 232 6.63 9.87 -11.50
CA GLY D 232 7.41 10.79 -10.70
C GLY D 232 6.55 11.39 -9.61
N THR D 233 7.19 12.24 -8.82
CA THR D 233 6.52 12.95 -7.76
C THR D 233 7.02 14.39 -7.74
N ILE D 234 6.32 15.21 -6.96
CA ILE D 234 6.61 16.65 -6.92
C ILE D 234 6.78 17.01 -5.45
N ALA D 235 7.92 17.65 -5.17
CA ALA D 235 8.19 18.19 -3.85
C ALA D 235 8.98 19.48 -4.10
N ASP D 236 8.24 20.53 -4.43
CA ASP D 236 8.74 21.78 -4.99
C ASP D 236 9.14 21.52 -6.45
N ASP D 237 10.25 20.78 -6.62
CA ASP D 237 10.72 20.36 -7.92
C ASP D 237 10.05 19.05 -8.32
N ILE D 238 10.10 18.76 -9.62
CA ILE D 238 9.67 17.46 -10.15
C ILE D 238 10.83 16.46 -10.03
N TYR D 239 10.50 15.27 -9.52
CA TYR D 239 11.40 14.13 -9.44
C TYR D 239 10.84 13.04 -10.34
N PHE D 240 11.41 12.87 -11.53
CA PHE D 240 11.05 11.74 -12.39
C PHE D 240 11.81 10.50 -11.96
N ASN D 241 11.08 9.40 -11.78
CA ASN D 241 11.63 8.16 -11.22
C ASN D 241 11.56 6.94 -12.16
N ASN D 242 10.53 6.84 -13.00
CA ASN D 242 10.29 5.69 -13.83
C ASN D 242 9.93 6.15 -15.24
N GLU D 243 10.32 5.33 -16.21
CA GLU D 243 9.76 5.36 -17.55
C GLU D 243 9.07 4.03 -17.79
N ILE D 244 7.85 4.07 -18.29
CA ILE D 244 7.13 2.82 -18.51
C ILE D 244 7.70 2.06 -19.70
N THR D 245 7.52 0.73 -19.68
CA THR D 245 8.02 -0.17 -20.73
C THR D 245 7.00 -0.49 -21.84
N ARG D 246 5.77 -0.09 -21.73
CA ARG D 246 4.76 -0.41 -22.73
C ARG D 246 4.83 0.62 -23.85
N LYS D 247 4.31 0.22 -25.01
CA LYS D 247 4.27 1.10 -26.16
C LYS D 247 3.17 2.14 -25.98
N HIS D 248 3.42 3.38 -26.39
CA HIS D 248 2.44 4.45 -26.18
C HIS D 248 2.63 5.59 -27.16
N THR D 249 1.64 6.49 -27.18
CA THR D 249 1.66 7.76 -27.87
C THR D 249 2.29 7.69 -29.27
N LYS D 250 3.44 8.37 -29.43
CA LYS D 250 4.06 8.54 -30.74
C LYS D 250 4.29 7.21 -31.43
N ASP D 251 4.45 6.11 -30.68
CA ASP D 251 4.82 4.85 -31.28
C ASP D 251 3.61 3.94 -31.53
N THR D 252 2.35 4.34 -31.26
CA THR D 252 1.32 3.31 -31.40
C THR D 252 0.88 3.21 -32.87
N ASP D 253 0.22 2.11 -33.12
CA ASP D 253 -0.28 1.77 -34.43
C ASP D 253 -1.74 2.20 -34.61
N PHE D 254 -2.30 2.88 -33.61
CA PHE D 254 -3.70 3.30 -33.71
C PHE D 254 -3.74 4.72 -34.26
N SER D 255 -4.64 4.94 -35.20
CA SER D 255 -4.92 6.25 -35.75
C SER D 255 -6.42 6.40 -35.81
N VAL D 256 -6.96 7.43 -35.18
CA VAL D 256 -8.40 7.55 -35.17
C VAL D 256 -8.82 8.91 -35.64
N SER D 257 -7.93 9.68 -36.25
CA SER D 257 -8.29 11.08 -36.46
C SER D 257 -9.50 11.19 -37.39
N ASN D 258 -9.61 10.26 -38.37
CA ASN D 258 -10.70 10.25 -39.33
C ASN D 258 -11.92 9.36 -38.95
N LEU D 259 -11.99 8.75 -37.76
CA LEU D 259 -13.12 7.90 -37.37
C LEU D 259 -14.19 8.70 -36.64
N ASP D 260 -15.46 8.35 -36.89
CA ASP D 260 -16.60 9.02 -36.24
C ASP D 260 -17.23 8.21 -35.13
N GLU D 261 -16.88 6.93 -35.06
CA GLU D 261 -17.35 6.03 -34.03
C GLU D 261 -16.30 4.95 -33.81
N LEU D 262 -16.45 4.23 -32.69
CA LEU D 262 -15.59 3.13 -32.32
C LEU D 262 -16.41 1.86 -32.19
N PRO D 263 -15.80 0.69 -32.42
CA PRO D 263 -16.53 -0.58 -32.24
C PRO D 263 -17.09 -0.67 -30.83
N GLN D 264 -18.33 -1.13 -30.70
CA GLN D 264 -18.97 -1.18 -29.41
C GLN D 264 -18.33 -2.26 -28.52
N VAL D 265 -17.95 -1.86 -27.32
CA VAL D 265 -17.42 -2.75 -26.32
C VAL D 265 -18.15 -2.52 -25.00
N ASP D 266 -18.70 -3.61 -24.43
CA ASP D 266 -19.37 -3.55 -23.15
C ASP D 266 -18.60 -4.37 -22.10
N ILE D 267 -18.94 -4.15 -20.82
CA ILE D 267 -18.27 -4.77 -19.70
C ILE D 267 -19.29 -5.52 -18.84
N ILE D 268 -18.93 -6.73 -18.46
N ILE D 268 -18.96 -6.77 -18.53
CA ILE D 268 -19.79 -7.59 -17.67
CA ILE D 268 -19.78 -7.66 -17.72
C ILE D 268 -18.99 -8.01 -16.45
C ILE D 268 -18.99 -7.99 -16.45
N TYR D 269 -19.64 -8.00 -15.28
CA TYR D 269 -19.00 -8.29 -14.00
C TYR D 269 -19.16 -9.74 -13.60
N GLY D 270 -18.12 -10.32 -12.97
CA GLY D 270 -18.20 -11.68 -12.45
C GLY D 270 -18.43 -11.72 -10.95
N TYR D 271 -19.23 -12.68 -10.52
CA TYR D 271 -19.62 -12.83 -9.12
C TYR D 271 -20.22 -14.23 -8.95
N GLN D 272 -20.33 -14.67 -7.71
CA GLN D 272 -20.99 -15.94 -7.41
C GLN D 272 -22.43 -15.90 -7.94
N ASN D 273 -22.89 -17.05 -8.47
CA ASN D 273 -24.29 -17.18 -8.90
C ASN D 273 -24.65 -16.22 -10.02
N ASP D 274 -23.65 -15.83 -10.80
CA ASP D 274 -23.90 -15.02 -12.01
C ASP D 274 -24.41 -15.97 -13.09
N GLY D 275 -24.63 -15.43 -14.28
CA GLY D 275 -25.24 -16.23 -15.33
C GLY D 275 -24.66 -15.89 -16.70
N SER D 276 -25.36 -16.39 -17.73
CA SER D 276 -24.99 -16.14 -19.11
C SER D 276 -25.84 -15.01 -19.70
N TYR D 277 -26.90 -14.59 -19.01
CA TYR D 277 -27.90 -13.68 -19.56
C TYR D 277 -27.33 -12.30 -19.92
N LEU D 278 -26.38 -11.84 -19.15
CA LEU D 278 -25.84 -10.52 -19.47
C LEU D 278 -24.97 -10.59 -20.73
N PHE D 279 -24.19 -11.66 -20.91
CA PHE D 279 -23.46 -11.89 -22.15
C PHE D 279 -24.43 -11.90 -23.34
N ASP D 280 -25.51 -12.68 -23.21
CA ASP D 280 -26.45 -12.81 -24.30
C ASP D 280 -27.03 -11.44 -24.66
N ALA D 281 -27.34 -10.62 -23.65
CA ALA D 281 -27.89 -9.28 -23.86
C ALA D 281 -26.89 -8.34 -24.54
N ALA D 282 -25.60 -8.43 -24.17
CA ALA D 282 -24.58 -7.59 -24.77
C ALA D 282 -24.41 -7.93 -26.24
N VAL D 283 -24.46 -9.24 -26.55
CA VAL D 283 -24.32 -9.63 -27.96
C VAL D 283 -25.51 -9.09 -28.74
N LYS D 284 -26.72 -9.22 -28.18
CA LYS D 284 -27.93 -8.73 -28.85
C LYS D 284 -27.92 -7.20 -29.05
N ALA D 285 -27.35 -6.48 -28.09
CA ALA D 285 -27.24 -5.03 -28.15
C ALA D 285 -26.16 -4.55 -29.13
N GLY D 286 -25.44 -5.47 -29.79
CA GLY D 286 -24.48 -5.10 -30.82
C GLY D 286 -23.02 -5.03 -30.36
N ALA D 287 -22.68 -5.54 -29.18
CA ALA D 287 -21.28 -5.56 -28.77
C ALA D 287 -20.45 -6.24 -29.85
N LYS D 288 -19.31 -5.60 -30.16
CA LYS D 288 -18.27 -6.18 -30.99
C LYS D 288 -17.17 -6.79 -30.13
N GLY D 289 -17.03 -6.26 -28.91
CA GLY D 289 -16.16 -6.82 -27.91
C GLY D 289 -16.83 -6.80 -26.56
N ILE D 290 -16.42 -7.72 -25.69
CA ILE D 290 -16.88 -7.77 -24.31
C ILE D 290 -15.65 -7.95 -23.42
N VAL D 291 -15.54 -7.09 -22.40
CA VAL D 291 -14.56 -7.27 -21.34
C VAL D 291 -15.29 -7.84 -20.13
N PHE D 292 -14.75 -8.94 -19.61
CA PHE D 292 -15.32 -9.60 -18.44
C PHE D 292 -14.46 -9.25 -17.24
N ALA D 293 -15.05 -8.63 -16.23
CA ALA D 293 -14.34 -8.31 -15.00
C ALA D 293 -14.41 -9.53 -14.09
N GLY D 294 -13.47 -10.44 -14.32
CA GLY D 294 -13.52 -11.75 -13.68
C GLY D 294 -12.99 -11.71 -12.26
N SER D 295 -13.50 -12.63 -11.46
N SER D 295 -13.50 -12.60 -11.42
CA SER D 295 -12.98 -12.87 -10.13
CA SER D 295 -12.94 -12.77 -10.09
C SER D 295 -11.53 -13.35 -10.24
C SER D 295 -11.53 -13.33 -10.23
N GLY D 296 -10.64 -12.90 -9.32
CA GLY D 296 -9.30 -13.41 -9.35
C GLY D 296 -8.60 -13.18 -10.70
N ASN D 297 -7.84 -14.17 -11.16
CA ASN D 297 -7.08 -14.10 -12.38
C ASN D 297 -7.96 -14.36 -13.60
N GLY D 298 -8.93 -13.46 -13.81
CA GLY D 298 -9.77 -13.54 -14.98
C GLY D 298 -10.59 -14.83 -15.05
N SER D 299 -11.07 -15.31 -13.90
CA SER D 299 -11.81 -16.57 -13.84
C SER D 299 -13.28 -16.36 -14.19
N LEU D 300 -13.88 -17.39 -14.79
CA LEU D 300 -15.30 -17.43 -15.12
C LEU D 300 -15.99 -18.61 -14.45
N SER D 301 -17.20 -18.37 -13.94
CA SER D 301 -18.06 -19.47 -13.55
C SER D 301 -18.37 -20.28 -14.81
N ASP D 302 -18.92 -21.48 -14.58
CA ASP D 302 -19.40 -22.26 -15.73
C ASP D 302 -20.48 -21.50 -16.53
N ALA D 303 -21.39 -20.80 -15.84
CA ALA D 303 -22.45 -20.06 -16.54
C ALA D 303 -21.87 -18.89 -17.33
N ALA D 304 -20.91 -18.18 -16.72
CA ALA D 304 -20.32 -17.06 -17.43
C ALA D 304 -19.55 -17.56 -18.65
N GLU D 305 -18.87 -18.69 -18.50
CA GLU D 305 -18.06 -19.26 -19.58
C GLU D 305 -18.97 -19.67 -20.75
N LYS D 306 -20.16 -20.22 -20.45
CA LYS D 306 -21.10 -20.54 -21.50
C LYS D 306 -21.49 -19.28 -22.27
N GLY D 307 -21.76 -18.19 -21.53
CA GLY D 307 -22.09 -16.93 -22.19
C GLY D 307 -20.95 -16.39 -23.05
N ALA D 308 -19.73 -16.48 -22.53
CA ALA D 308 -18.56 -16.00 -23.24
C ALA D 308 -18.33 -16.81 -24.52
N ASP D 309 -18.45 -18.13 -24.41
CA ASP D 309 -18.28 -18.99 -25.57
C ASP D 309 -19.38 -18.70 -26.60
N SER D 310 -20.62 -18.47 -26.17
N SER D 310 -20.61 -18.43 -26.16
CA SER D 310 -21.69 -18.13 -27.10
CA SER D 310 -21.65 -18.14 -27.11
C SER D 310 -21.34 -16.83 -27.86
C SER D 310 -21.34 -16.83 -27.85
N ALA D 311 -20.77 -15.86 -27.12
CA ALA D 311 -20.42 -14.58 -27.73
C ALA D 311 -19.31 -14.79 -28.75
N VAL D 312 -18.27 -15.54 -28.43
CA VAL D 312 -17.19 -15.78 -29.38
C VAL D 312 -17.73 -16.44 -30.65
N LYS D 313 -18.67 -17.37 -30.50
CA LYS D 313 -19.21 -18.08 -31.67
C LYS D 313 -20.00 -17.11 -32.57
N LYS D 314 -20.59 -16.07 -31.99
CA LYS D 314 -21.29 -15.04 -32.73
C LYS D 314 -20.38 -13.89 -33.20
N GLY D 315 -19.06 -14.07 -33.12
CA GLY D 315 -18.11 -13.14 -33.71
C GLY D 315 -17.70 -11.97 -32.82
N VAL D 316 -18.00 -12.07 -31.53
CA VAL D 316 -17.63 -11.07 -30.55
C VAL D 316 -16.26 -11.44 -29.98
N THR D 317 -15.35 -10.47 -29.83
CA THR D 317 -14.11 -10.74 -29.13
C THR D 317 -14.32 -10.58 -27.63
N VAL D 318 -13.84 -11.58 -26.87
CA VAL D 318 -14.00 -11.60 -25.43
C VAL D 318 -12.61 -11.52 -24.78
N VAL D 319 -12.44 -10.51 -23.90
CA VAL D 319 -11.23 -10.33 -23.11
C VAL D 319 -11.58 -10.47 -21.66
N ARG D 320 -10.83 -11.33 -20.98
CA ARG D 320 -10.95 -11.53 -19.54
C ARG D 320 -10.04 -10.53 -18.83
N SER D 321 -10.64 -9.60 -18.08
CA SER D 321 -9.94 -8.75 -17.15
C SER D 321 -10.26 -9.26 -15.74
N THR D 322 -10.05 -8.42 -14.73
CA THR D 322 -10.22 -8.79 -13.32
C THR D 322 -10.93 -7.69 -12.59
N ARG D 323 -11.71 -8.07 -11.56
CA ARG D 323 -12.38 -7.10 -10.68
C ARG D 323 -11.51 -6.78 -9.45
N THR D 324 -10.35 -7.42 -9.32
CA THR D 324 -9.52 -7.32 -8.07
C THR D 324 -8.91 -5.94 -7.88
N GLY D 325 -8.46 -5.30 -8.97
CA GLY D 325 -7.89 -3.97 -8.92
C GLY D 325 -6.41 -3.94 -9.29
N ASN D 326 -5.70 -5.06 -9.23
CA ASN D 326 -4.25 -5.06 -9.43
C ASN D 326 -3.84 -6.42 -9.99
N GLY D 327 -2.61 -6.49 -10.48
CA GLY D 327 -2.01 -7.70 -10.96
C GLY D 327 -2.23 -7.90 -12.45
N VAL D 328 -1.65 -8.99 -12.96
N VAL D 328 -1.67 -9.02 -12.93
CA VAL D 328 -1.83 -9.38 -14.34
CA VAL D 328 -1.72 -9.45 -14.32
C VAL D 328 -2.85 -10.51 -14.44
C VAL D 328 -2.78 -10.55 -14.50
N VAL D 329 -3.69 -10.39 -15.49
CA VAL D 329 -4.49 -11.51 -15.93
C VAL D 329 -3.66 -12.24 -16.98
N THR D 330 -3.34 -13.48 -16.65
CA THR D 330 -2.45 -14.30 -17.45
C THR D 330 -3.20 -15.13 -18.47
N PRO D 331 -2.54 -15.52 -19.57
CA PRO D 331 -3.15 -16.49 -20.48
C PRO D 331 -3.23 -17.82 -19.76
N ASN D 332 -4.37 -18.41 -19.86
CA ASN D 332 -4.69 -19.70 -19.28
C ASN D 332 -4.92 -20.61 -20.47
N GLN D 333 -4.30 -21.78 -20.50
CA GLN D 333 -4.43 -22.65 -21.67
C GLN D 333 -5.87 -22.96 -22.04
N ASP D 334 -6.73 -23.33 -21.09
CA ASP D 334 -8.08 -23.76 -21.46
C ASP D 334 -8.85 -22.55 -22.00
N TYR D 335 -8.58 -21.36 -21.46
CA TYR D 335 -9.28 -20.18 -21.95
C TYR D 335 -8.69 -19.74 -23.29
N ALA D 336 -7.36 -19.73 -23.40
CA ALA D 336 -6.71 -19.27 -24.62
C ALA D 336 -7.11 -20.13 -25.82
N GLU D 337 -7.25 -21.45 -25.61
CA GLU D 337 -7.66 -22.38 -26.68
C GLU D 337 -9.01 -21.97 -27.24
N LYS D 338 -9.85 -21.28 -26.46
CA LYS D 338 -11.20 -20.89 -26.84
C LYS D 338 -11.30 -19.40 -27.16
N ASP D 339 -10.14 -18.73 -27.29
CA ASP D 339 -10.06 -17.33 -27.62
C ASP D 339 -10.72 -16.45 -26.55
N LEU D 340 -10.70 -16.87 -25.28
CA LEU D 340 -11.08 -15.99 -24.17
C LEU D 340 -9.80 -15.36 -23.65
N LEU D 341 -9.52 -14.16 -24.19
CA LEU D 341 -8.19 -13.56 -24.13
C LEU D 341 -7.89 -13.03 -22.73
N ALA D 342 -6.63 -12.64 -22.52
CA ALA D 342 -6.16 -12.17 -21.23
C ALA D 342 -5.87 -10.67 -21.28
N SER D 343 -6.31 -9.90 -20.25
CA SER D 343 -6.11 -8.46 -20.29
C SER D 343 -4.78 -7.94 -19.76
N ASN D 344 -3.86 -8.82 -19.41
CA ASN D 344 -2.57 -8.34 -18.87
C ASN D 344 -2.87 -7.53 -17.61
N SER D 345 -2.17 -6.43 -17.37
CA SER D 345 -2.40 -5.60 -16.19
C SER D 345 -3.36 -4.45 -16.50
N LEU D 346 -4.27 -4.60 -17.43
CA LEU D 346 -5.35 -3.64 -17.65
C LEU D 346 -6.62 -4.05 -16.92
N ASN D 347 -7.14 -3.10 -16.14
CA ASN D 347 -8.42 -3.24 -15.46
C ASN D 347 -9.56 -3.20 -16.49
N PRO D 348 -10.82 -3.45 -16.09
CA PRO D 348 -11.85 -3.64 -17.11
C PRO D 348 -12.09 -2.46 -18.04
N GLN D 349 -12.18 -1.27 -17.43
CA GLN D 349 -12.49 -0.07 -18.17
C GLN D 349 -11.31 0.37 -19.05
N LYS D 350 -10.07 0.10 -18.62
CA LYS D 350 -8.94 0.43 -19.48
C LYS D 350 -8.77 -0.61 -20.59
N ALA D 351 -9.04 -1.88 -20.27
CA ALA D 351 -9.02 -2.94 -21.26
C ALA D 351 -10.05 -2.67 -22.35
N ARG D 352 -11.21 -2.06 -22.00
CA ARG D 352 -12.21 -1.69 -22.99
C ARG D 352 -11.64 -0.71 -24.01
N MET D 353 -10.84 0.25 -23.58
CA MET D 353 -10.29 1.24 -24.53
C MET D 353 -9.35 0.54 -25.53
N LEU D 354 -8.46 -0.33 -25.04
CA LEU D 354 -7.58 -1.06 -25.95
C LEU D 354 -8.34 -2.00 -26.88
N LEU D 355 -9.38 -2.65 -26.37
CA LEU D 355 -10.13 -3.55 -27.23
C LEU D 355 -10.87 -2.80 -28.33
N MET D 356 -11.48 -1.65 -28.03
CA MET D 356 -12.12 -0.86 -29.07
C MET D 356 -11.13 -0.51 -30.16
N LEU D 357 -9.94 -0.03 -29.77
CA LEU D 357 -8.96 0.37 -30.76
C LEU D 357 -8.42 -0.85 -31.52
N ALA D 358 -8.19 -1.98 -30.83
CA ALA D 358 -7.75 -3.21 -31.50
C ALA D 358 -8.73 -3.60 -32.60
N LEU D 359 -10.05 -3.45 -32.32
CA LEU D 359 -11.09 -3.86 -33.26
C LEU D 359 -11.19 -2.91 -34.47
N THR D 360 -10.57 -1.71 -34.40
CA THR D 360 -10.47 -0.88 -35.57
C THR D 360 -9.46 -1.44 -36.58
N LYS D 361 -8.56 -2.33 -36.14
CA LYS D 361 -7.47 -2.85 -36.96
C LYS D 361 -7.75 -4.30 -37.39
N THR D 362 -8.32 -5.10 -36.50
CA THR D 362 -8.40 -6.54 -36.74
C THR D 362 -9.46 -7.22 -35.90
N ASN D 363 -9.89 -8.41 -36.34
CA ASN D 363 -10.71 -9.31 -35.54
C ASN D 363 -9.96 -10.58 -35.17
N ASP D 364 -8.67 -10.64 -35.49
CA ASP D 364 -7.85 -11.83 -35.26
C ASP D 364 -7.52 -11.93 -33.79
N PRO D 365 -7.97 -12.96 -33.04
CA PRO D 365 -7.72 -13.00 -31.60
C PRO D 365 -6.26 -13.05 -31.21
N GLN D 366 -5.40 -13.65 -32.04
CA GLN D 366 -3.99 -13.74 -31.73
C GLN D 366 -3.39 -12.33 -31.84
N LYS D 367 -3.81 -11.55 -32.83
CA LYS D 367 -3.28 -10.19 -32.96
C LYS D 367 -3.81 -9.30 -31.83
N ILE D 368 -5.08 -9.46 -31.44
CA ILE D 368 -5.61 -8.70 -30.33
C ILE D 368 -4.87 -9.04 -29.04
N GLN D 369 -4.62 -10.31 -28.77
CA GLN D 369 -3.84 -10.70 -27.60
C GLN D 369 -2.48 -10.02 -27.63
N ALA D 370 -1.83 -10.01 -28.80
CA ALA D 370 -0.50 -9.40 -28.85
C ALA D 370 -0.57 -7.91 -28.50
N TYR D 371 -1.64 -7.20 -28.95
CA TYR D 371 -1.82 -5.82 -28.53
C TYR D 371 -1.92 -5.67 -27.00
N PHE D 372 -2.65 -6.58 -26.37
CA PHE D 372 -2.78 -6.58 -24.91
C PHE D 372 -1.47 -6.83 -24.17
N ASN D 373 -0.48 -7.41 -24.83
CA ASN D 373 0.86 -7.66 -24.21
C ASN D 373 1.82 -6.50 -24.45
N GLU D 374 1.50 -5.60 -25.38
CA GLU D 374 2.45 -4.55 -25.70
C GLU D 374 2.00 -3.15 -25.30
N TYR D 375 0.71 -2.88 -25.22
CA TYR D 375 0.17 -1.54 -24.96
C TYR D 375 -0.25 -1.32 -23.49
NA NA E . -8.88 -20.56 -8.65
C1 GOL F . 20.79 -12.96 8.43
O1 GOL F . 21.55 -13.47 7.34
C2 GOL F . 19.36 -12.74 8.01
O2 GOL F . 19.27 -11.42 7.49
C3 GOL F . 18.83 -13.83 7.04
O3 GOL F . 17.68 -13.46 6.21
H11 GOL F . 21.17 -12.10 8.71
H12 GOL F . 20.80 -13.62 9.17
HO1 GOL F . 22.34 -13.58 7.60
H2 GOL F . 18.79 -12.74 8.82
HO2 GOL F . 18.94 -11.46 6.71
H31 GOL F . 18.54 -14.62 7.58
H32 GOL F . 19.55 -14.10 6.42
HO3 GOL F . 17.46 -12.66 6.39
NA NA G . 7.08 19.96 11.98
#